data_2DAS
#
_entry.id   2DAS
#
loop_
_entity.id
_entity.type
_entity.pdbx_description
1 polymer 'Zinc finger MYM-type protein 5'
2 non-polymer 'ZINC ION'
#
_entity_poly.entity_id   1
_entity_poly.type   'polypeptide(L)'
_entity_poly.pdbx_seq_one_letter_code
;GSSGSSGQPTAQQQLTKPAKITCANCKKPLQKGQTAYQRKGSAHLFCSTTCLSSFSSGPSSG
;
_entity_poly.pdbx_strand_id   A
#
loop_
_chem_comp.id
_chem_comp.type
_chem_comp.name
_chem_comp.formula
ZN non-polymer 'ZINC ION' 'Zn 2'
#
# COMPACT_ATOMS: atom_id res chain seq x y z
N GLY A 1 -22.50 40.44 -21.34
CA GLY A 1 -21.37 39.55 -21.52
C GLY A 1 -21.00 38.82 -20.24
N SER A 2 -19.96 37.99 -20.32
CA SER A 2 -19.50 37.22 -19.17
C SER A 2 -18.16 36.56 -19.44
N SER A 3 -17.59 35.94 -18.42
CA SER A 3 -16.30 35.27 -18.56
C SER A 3 -16.23 34.03 -17.67
N GLY A 4 -15.17 33.25 -17.82
CA GLY A 4 -15.01 32.05 -17.02
C GLY A 4 -13.57 31.55 -17.00
N SER A 5 -13.31 30.54 -16.18
CA SER A 5 -11.97 29.98 -16.06
C SER A 5 -11.87 28.66 -16.82
N SER A 6 -12.65 27.68 -16.39
CA SER A 6 -12.66 26.37 -17.02
C SER A 6 -11.25 25.78 -17.06
N GLY A 7 -10.53 25.93 -15.95
CA GLY A 7 -9.18 25.41 -15.88
C GLY A 7 -9.01 24.40 -14.76
N GLN A 8 -8.02 23.51 -14.92
CA GLN A 8 -7.77 22.48 -13.91
C GLN A 8 -6.30 22.53 -13.46
N PRO A 9 -6.02 23.40 -12.49
CA PRO A 9 -4.67 23.57 -11.94
C PRO A 9 -4.22 22.35 -11.12
N THR A 10 -3.24 21.62 -11.63
CA THR A 10 -2.73 20.44 -10.95
C THR A 10 -1.20 20.43 -10.93
N ALA A 11 -0.63 20.16 -9.76
CA ALA A 11 0.82 20.11 -9.61
C ALA A 11 1.21 19.62 -8.22
N GLN A 12 1.80 18.43 -8.16
CA GLN A 12 2.21 17.85 -6.89
C GLN A 12 3.49 17.03 -7.07
N GLN A 13 4.26 16.91 -5.99
CA GLN A 13 5.50 16.15 -6.04
C GLN A 13 5.46 14.98 -5.05
N GLN A 14 5.83 13.80 -5.54
CA GLN A 14 5.83 12.60 -4.72
C GLN A 14 6.65 11.49 -5.37
N LEU A 15 6.92 10.43 -4.60
CA LEU A 15 7.69 9.30 -5.10
C LEU A 15 6.94 8.58 -6.22
N THR A 16 7.59 8.46 -7.37
CA THR A 16 6.99 7.80 -8.53
C THR A 16 6.37 6.46 -8.13
N LYS A 17 7.14 5.64 -7.43
CA LYS A 17 6.66 4.34 -6.98
C LYS A 17 7.32 3.94 -5.66
N PRO A 18 6.57 3.19 -4.84
CA PRO A 18 7.07 2.73 -3.53
C PRO A 18 8.15 1.67 -3.67
N ALA A 19 8.98 1.54 -2.63
CA ALA A 19 10.06 0.56 -2.64
C ALA A 19 9.63 -0.73 -1.96
N LYS A 20 9.02 -0.62 -0.79
CA LYS A 20 8.56 -1.78 -0.04
C LYS A 20 7.03 -1.84 -0.02
N ILE A 21 6.49 -2.87 0.61
CA ILE A 21 5.04 -3.05 0.71
C ILE A 21 4.59 -2.98 2.16
N THR A 22 3.43 -2.38 2.38
CA THR A 22 2.87 -2.25 3.73
C THR A 22 1.36 -2.43 3.71
N CYS A 23 0.79 -2.70 4.88
CA CYS A 23 -0.65 -2.89 5.01
C CYS A 23 -1.40 -1.57 4.79
N ALA A 24 -2.49 -1.63 4.03
CA ALA A 24 -3.29 -0.45 3.76
C ALA A 24 -4.24 -0.16 4.92
N ASN A 25 -3.97 -0.73 6.07
CA ASN A 25 -4.80 -0.53 7.25
C ASN A 25 -3.96 -0.09 8.45
N CYS A 26 -3.01 -0.93 8.84
CA CYS A 26 -2.14 -0.62 9.97
C CYS A 26 -0.83 0.01 9.49
N LYS A 27 -0.55 -0.13 8.21
CA LYS A 27 0.66 0.44 7.62
C LYS A 27 1.90 -0.21 8.22
N LYS A 28 1.91 -1.54 8.29
CA LYS A 28 3.03 -2.28 8.84
C LYS A 28 3.90 -2.87 7.73
N PRO A 29 5.22 -2.89 7.95
CA PRO A 29 6.18 -3.42 6.97
C PRO A 29 6.09 -4.93 6.84
N LEU A 30 5.31 -5.39 5.85
CA LEU A 30 5.14 -6.81 5.61
C LEU A 30 6.43 -7.44 5.12
N GLN A 31 7.02 -8.30 5.95
CA GLN A 31 8.26 -8.98 5.60
C GLN A 31 8.14 -9.70 4.26
N LYS A 32 9.21 -9.67 3.47
CA LYS A 32 9.23 -10.32 2.17
C LYS A 32 8.91 -11.80 2.30
N GLY A 33 7.79 -12.23 1.74
CA GLY A 33 7.40 -13.62 1.80
C GLY A 33 6.01 -13.82 2.38
N GLN A 34 5.75 -13.19 3.52
CA GLN A 34 4.45 -13.31 4.17
C GLN A 34 3.32 -13.14 3.15
N THR A 35 2.23 -13.85 3.39
CA THR A 35 1.07 -13.78 2.49
C THR A 35 0.35 -12.45 2.62
N ALA A 36 -0.15 -11.94 1.50
CA ALA A 36 -0.86 -10.66 1.50
C ALA A 36 -2.28 -10.84 0.96
N TYR A 37 -3.20 -10.04 1.49
CA TYR A 37 -4.60 -10.11 1.07
C TYR A 37 -4.95 -8.94 0.15
N GLN A 38 -5.68 -9.23 -0.92
CA GLN A 38 -6.08 -8.21 -1.87
C GLN A 38 -7.55 -8.35 -2.24
N ARG A 39 -8.26 -7.22 -2.28
CA ARG A 39 -9.68 -7.22 -2.61
C ARG A 39 -9.89 -7.27 -4.12
N LYS A 40 -11.11 -7.54 -4.53
CA LYS A 40 -11.44 -7.62 -5.95
C LYS A 40 -11.28 -6.26 -6.62
N GLY A 41 -10.87 -6.28 -7.89
CA GLY A 41 -10.67 -5.03 -8.63
C GLY A 41 -10.12 -3.93 -7.76
N SER A 42 -8.99 -4.20 -7.10
CA SER A 42 -8.36 -3.22 -6.23
C SER A 42 -6.85 -3.44 -6.17
N ALA A 43 -6.11 -2.36 -5.94
CA ALA A 43 -4.66 -2.43 -5.88
C ALA A 43 -4.17 -2.14 -4.46
N HIS A 44 -4.87 -2.69 -3.48
CA HIS A 44 -4.50 -2.49 -2.08
C HIS A 44 -4.30 -3.83 -1.38
N LEU A 45 -3.18 -3.95 -0.67
CA LEU A 45 -2.86 -5.19 0.04
C LEU A 45 -3.09 -5.02 1.55
N PHE A 46 -3.07 -6.14 2.26
CA PHE A 46 -3.27 -6.12 3.71
C PHE A 46 -2.40 -7.16 4.40
N CYS A 47 -2.16 -6.97 5.69
CA CYS A 47 -1.35 -7.89 6.47
C CYS A 47 -2.16 -9.11 6.89
N SER A 48 -3.42 -8.88 7.26
CA SER A 48 -4.29 -9.96 7.69
C SER A 48 -5.76 -9.54 7.59
N THR A 49 -6.65 -10.53 7.51
CA THR A 49 -8.07 -10.26 7.41
C THR A 49 -8.50 -9.16 8.37
N THR A 50 -8.14 -9.32 9.65
CA THR A 50 -8.49 -8.34 10.67
C THR A 50 -8.49 -6.93 10.10
N CYS A 51 -7.52 -6.64 9.24
CA CYS A 51 -7.41 -5.33 8.63
C CYS A 51 -8.26 -5.25 7.36
N LEU A 52 -8.07 -6.19 6.45
CA LEU A 52 -8.83 -6.21 5.20
C LEU A 52 -10.26 -5.73 5.42
N SER A 53 -10.87 -6.18 6.52
CA SER A 53 -12.22 -5.79 6.85
C SER A 53 -12.27 -4.41 7.48
N SER A 54 -11.38 -4.18 8.44
CA SER A 54 -11.32 -2.89 9.14
C SER A 54 -11.25 -1.74 8.14
N PHE A 55 -10.39 -1.88 7.14
CA PHE A 55 -10.23 -0.85 6.12
C PHE A 55 -11.58 -0.40 5.58
N SER A 56 -12.39 -1.36 5.14
CA SER A 56 -13.71 -1.06 4.60
C SER A 56 -14.39 0.04 5.41
N SER A 57 -14.53 1.21 4.79
CA SER A 57 -15.16 2.35 5.45
C SER A 57 -16.68 2.27 5.34
N GLY A 58 -17.16 2.08 4.11
CA GLY A 58 -18.60 2.00 3.89
C GLY A 58 -19.07 2.93 2.78
N PRO A 59 -20.37 3.25 2.79
CA PRO A 59 -20.97 4.13 1.80
C PRO A 59 -20.51 5.58 1.95
N SER A 60 -19.33 5.88 1.44
CA SER A 60 -18.76 7.22 1.53
C SER A 60 -18.22 7.67 0.17
N SER A 61 -19.10 8.20 -0.67
CA SER A 61 -18.71 8.66 -1.99
C SER A 61 -17.76 7.68 -2.65
N GLY A 62 -18.05 6.39 -2.51
CA GLY A 62 -17.21 5.36 -3.10
C GLY A 62 -18.02 4.29 -3.81
ZN ZN B . -2.76 -4.68 8.83
N GLY A 1 32.65 -30.38 -14.17
CA GLY A 1 31.24 -30.46 -14.53
C GLY A 1 30.59 -29.09 -14.63
N SER A 2 29.34 -29.06 -15.08
CA SER A 2 28.61 -27.81 -15.23
C SER A 2 27.12 -28.06 -15.40
N SER A 3 26.33 -26.99 -15.41
CA SER A 3 24.89 -27.09 -15.58
C SER A 3 24.35 -25.97 -16.45
N GLY A 4 23.06 -26.00 -16.73
CA GLY A 4 22.44 -24.98 -17.55
C GLY A 4 21.01 -24.69 -17.14
N SER A 5 20.41 -23.69 -17.77
CA SER A 5 19.04 -23.30 -17.47
C SER A 5 18.49 -22.35 -18.53
N SER A 6 17.21 -22.00 -18.41
CA SER A 6 16.56 -21.10 -19.36
C SER A 6 15.59 -20.18 -18.64
N GLY A 7 15.32 -19.03 -19.24
CA GLY A 7 14.40 -18.07 -18.65
C GLY A 7 14.00 -16.98 -19.62
N GLN A 8 13.35 -15.94 -19.11
CA GLN A 8 12.89 -14.84 -19.93
C GLN A 8 13.22 -13.49 -19.28
N PRO A 9 14.52 -13.13 -19.29
CA PRO A 9 14.99 -11.87 -18.69
C PRO A 9 14.53 -10.65 -19.49
N THR A 10 13.34 -10.16 -19.17
CA THR A 10 12.79 -8.99 -19.85
C THR A 10 12.56 -7.84 -18.88
N ALA A 11 13.43 -6.83 -18.94
CA ALA A 11 13.31 -5.68 -18.07
C ALA A 11 14.25 -4.56 -18.52
N GLN A 12 13.67 -3.44 -18.97
CA GLN A 12 14.44 -2.31 -19.43
C GLN A 12 14.30 -1.13 -18.48
N GLN A 13 14.32 -1.40 -17.18
CA GLN A 13 14.19 -0.37 -16.17
C GLN A 13 14.42 -0.93 -14.77
N GLN A 14 14.68 -0.05 -13.82
CA GLN A 14 14.92 -0.46 -12.44
C GLN A 14 14.37 0.56 -11.45
N LEU A 15 14.09 0.11 -10.24
CA LEU A 15 13.56 1.00 -9.20
C LEU A 15 14.62 1.32 -8.16
N THR A 16 14.62 2.57 -7.69
CA THR A 16 15.58 3.01 -6.68
C THR A 16 15.41 2.25 -5.38
N LYS A 17 14.16 1.90 -5.07
CA LYS A 17 13.85 1.16 -3.85
C LYS A 17 13.37 -0.25 -4.17
N PRO A 18 13.42 -1.13 -3.16
CA PRO A 18 13.00 -2.52 -3.31
C PRO A 18 11.48 -2.66 -3.48
N ALA A 19 10.80 -1.52 -3.56
CA ALA A 19 9.36 -1.50 -3.72
C ALA A 19 8.66 -1.99 -2.46
N LYS A 20 9.14 -1.55 -1.31
CA LYS A 20 8.57 -1.93 -0.03
C LYS A 20 7.05 -1.82 -0.07
N ILE A 21 6.39 -2.66 0.72
CA ILE A 21 4.93 -2.65 0.79
C ILE A 21 4.44 -2.74 2.23
N THR A 22 3.42 -1.95 2.55
CA THR A 22 2.85 -1.93 3.89
C THR A 22 1.34 -2.11 3.86
N CYS A 23 0.78 -2.58 4.96
CA CYS A 23 -0.65 -2.81 5.06
C CYS A 23 -1.42 -1.51 4.86
N ALA A 24 -2.52 -1.58 4.10
CA ALA A 24 -3.34 -0.41 3.84
C ALA A 24 -4.31 -0.14 4.99
N ASN A 25 -4.00 -0.71 6.15
CA ASN A 25 -4.84 -0.53 7.33
C ASN A 25 -4.01 -0.13 8.54
N CYS A 26 -3.06 -0.99 8.91
CA CYS A 26 -2.18 -0.74 10.05
C CYS A 26 -0.88 -0.11 9.60
N LYS A 27 -0.61 -0.17 8.30
CA LYS A 27 0.61 0.39 7.74
C LYS A 27 1.85 -0.30 8.31
N LYS A 28 1.83 -1.63 8.32
CA LYS A 28 2.94 -2.41 8.83
C LYS A 28 3.84 -2.89 7.70
N PRO A 29 5.15 -2.93 7.97
CA PRO A 29 6.14 -3.38 6.99
C PRO A 29 6.05 -4.88 6.71
N LEU A 30 5.36 -5.23 5.63
CA LEU A 30 5.20 -6.63 5.26
C LEU A 30 6.47 -7.17 4.60
N GLN A 31 6.67 -8.47 4.70
CA GLN A 31 7.84 -9.12 4.11
C GLN A 31 7.44 -9.99 2.93
N LYS A 32 8.35 -10.12 1.97
CA LYS A 32 8.10 -10.94 0.78
C LYS A 32 7.66 -12.35 1.18
N GLY A 33 8.33 -12.91 2.18
CA GLY A 33 7.98 -14.24 2.63
C GLY A 33 6.60 -14.32 3.25
N GLN A 34 6.29 -13.36 4.12
CA GLN A 34 4.99 -13.32 4.77
C GLN A 34 3.86 -13.38 3.76
N THR A 35 2.62 -13.48 4.25
CA THR A 35 1.46 -13.55 3.38
C THR A 35 0.59 -12.30 3.52
N ALA A 36 0.13 -11.78 2.39
CA ALA A 36 -0.71 -10.59 2.39
C ALA A 36 -2.06 -10.87 1.76
N TYR A 37 -2.94 -9.88 1.76
CA TYR A 37 -4.27 -10.02 1.19
C TYR A 37 -4.58 -8.88 0.21
N GLN A 38 -5.40 -9.18 -0.78
CA GLN A 38 -5.77 -8.18 -1.78
C GLN A 38 -7.26 -8.28 -2.12
N ARG A 39 -7.84 -7.16 -2.52
CA ARG A 39 -9.25 -7.11 -2.88
C ARG A 39 -9.44 -7.21 -4.39
N LYS A 40 -10.70 -7.29 -4.81
CA LYS A 40 -11.02 -7.39 -6.23
C LYS A 40 -11.04 -6.01 -6.89
N GLY A 41 -10.16 -5.81 -7.86
CA GLY A 41 -10.10 -4.54 -8.56
C GLY A 41 -9.45 -3.45 -7.71
N SER A 42 -8.29 -3.77 -7.14
CA SER A 42 -7.58 -2.81 -6.30
C SER A 42 -6.21 -3.36 -5.91
N ALA A 43 -5.20 -2.49 -5.93
CA ALA A 43 -3.85 -2.89 -5.57
C ALA A 43 -3.67 -2.94 -4.06
N HIS A 44 -4.31 -2.01 -3.36
CA HIS A 44 -4.23 -1.94 -1.90
C HIS A 44 -4.16 -3.35 -1.31
N LEU A 45 -3.10 -3.60 -0.54
CA LEU A 45 -2.91 -4.90 0.09
C LEU A 45 -3.18 -4.82 1.59
N PHE A 46 -3.12 -5.97 2.26
CA PHE A 46 -3.34 -6.02 3.70
C PHE A 46 -2.46 -7.09 4.34
N CYS A 47 -2.18 -6.91 5.64
CA CYS A 47 -1.34 -7.85 6.37
C CYS A 47 -2.16 -9.07 6.82
N SER A 48 -3.40 -8.82 7.23
CA SER A 48 -4.29 -9.88 7.68
C SER A 48 -5.74 -9.54 7.39
N THR A 49 -6.63 -10.51 7.58
CA THR A 49 -8.05 -10.31 7.34
C THR A 49 -8.61 -9.22 8.24
N THR A 50 -8.25 -9.27 9.51
CA THR A 50 -8.72 -8.29 10.48
C THR A 50 -8.68 -6.88 9.89
N CYS A 51 -7.64 -6.60 9.11
CA CYS A 51 -7.49 -5.29 8.48
C CYS A 51 -8.30 -5.21 7.19
N LEU A 52 -8.16 -6.23 6.34
CA LEU A 52 -8.88 -6.27 5.07
C LEU A 52 -10.34 -5.84 5.26
N SER A 53 -10.94 -6.29 6.35
CA SER A 53 -12.33 -5.96 6.64
C SER A 53 -12.43 -4.62 7.37
N SER A 54 -11.58 -4.44 8.38
CA SER A 54 -11.57 -3.21 9.16
C SER A 54 -11.55 -1.99 8.24
N PHE A 55 -10.67 -2.01 7.26
CA PHE A 55 -10.54 -0.90 6.32
C PHE A 55 -11.92 -0.43 5.86
N SER A 56 -12.74 -1.35 5.39
CA SER A 56 -14.08 -1.03 4.92
C SER A 56 -15.13 -1.38 5.97
N SER A 57 -15.45 -0.42 6.82
CA SER A 57 -16.44 -0.63 7.87
C SER A 57 -17.80 -0.96 7.29
N GLY A 58 -18.27 -0.12 6.38
CA GLY A 58 -19.56 -0.34 5.76
C GLY A 58 -19.48 -0.34 4.24
N PRO A 59 -20.64 -0.37 3.58
CA PRO A 59 -20.73 -0.38 2.12
C PRO A 59 -20.29 0.95 1.51
N SER A 60 -19.61 0.88 0.37
CA SER A 60 -19.15 2.07 -0.32
C SER A 60 -20.32 2.88 -0.89
N SER A 61 -20.03 4.09 -1.33
CA SER A 61 -21.06 4.96 -1.89
C SER A 61 -20.99 4.97 -3.41
N GLY A 62 -22.15 4.88 -4.05
CA GLY A 62 -22.19 4.87 -5.51
C GLY A 62 -21.56 3.64 -6.11
ZN ZN B . -2.83 -4.72 8.78
N GLY A 1 35.59 40.44 12.06
CA GLY A 1 35.38 40.05 10.68
C GLY A 1 34.58 38.76 10.56
N SER A 2 34.30 38.35 9.33
CA SER A 2 33.53 37.14 9.08
C SER A 2 33.88 36.54 7.72
N SER A 3 33.29 35.38 7.42
CA SER A 3 33.55 34.71 6.16
C SER A 3 32.27 34.05 5.63
N GLY A 4 32.18 33.94 4.31
CA GLY A 4 31.01 33.33 3.70
C GLY A 4 31.35 32.13 2.85
N SER A 5 30.34 31.50 2.27
CA SER A 5 30.54 30.32 1.43
C SER A 5 29.24 29.91 0.75
N SER A 6 29.33 28.91 -0.13
CA SER A 6 28.17 28.41 -0.85
C SER A 6 28.27 26.92 -1.10
N GLY A 7 27.24 26.35 -1.73
CA GLY A 7 27.24 24.93 -2.02
C GLY A 7 25.85 24.39 -2.25
N GLN A 8 25.71 23.51 -3.24
CA GLN A 8 24.42 22.92 -3.57
C GLN A 8 24.60 21.58 -4.27
N PRO A 9 23.69 20.63 -3.98
CA PRO A 9 23.74 19.29 -4.57
C PRO A 9 23.38 19.31 -6.05
N THR A 10 23.51 18.15 -6.70
CA THR A 10 23.21 18.04 -8.13
C THR A 10 22.00 17.15 -8.36
N ALA A 11 20.99 17.29 -7.51
CA ALA A 11 19.77 16.49 -7.61
C ALA A 11 18.74 17.19 -8.51
N GLN A 12 17.64 16.50 -8.77
CA GLN A 12 16.58 17.06 -9.61
C GLN A 12 15.23 16.97 -8.92
N GLN A 13 14.89 15.76 -8.45
CA GLN A 13 13.62 15.54 -7.76
C GLN A 13 13.56 14.13 -7.18
N GLN A 14 12.93 14.01 -6.01
CA GLN A 14 12.80 12.72 -5.35
C GLN A 14 11.84 12.80 -4.18
N LEU A 15 10.87 11.89 -4.14
CA LEU A 15 9.89 11.87 -3.06
C LEU A 15 9.84 10.49 -2.40
N THR A 16 9.63 9.46 -3.20
CA THR A 16 9.57 8.10 -2.69
C THR A 16 9.80 7.08 -3.81
N LYS A 17 10.45 5.98 -3.47
CA LYS A 17 10.74 4.93 -4.44
C LYS A 17 10.19 3.58 -3.98
N PRO A 18 9.88 2.70 -4.94
CA PRO A 18 9.33 1.37 -4.64
C PRO A 18 10.37 0.46 -3.99
N ALA A 19 10.48 0.54 -2.67
CA ALA A 19 11.42 -0.29 -1.93
C ALA A 19 10.72 -1.46 -1.25
N LYS A 20 9.61 -1.17 -0.57
CA LYS A 20 8.85 -2.19 0.12
C LYS A 20 7.36 -1.84 0.14
N ILE A 21 6.56 -2.74 0.69
CA ILE A 21 5.12 -2.53 0.77
C ILE A 21 4.64 -2.60 2.22
N THR A 22 3.56 -1.86 2.51
CA THR A 22 3.00 -1.84 3.86
C THR A 22 1.49 -2.01 3.82
N CYS A 23 0.93 -2.57 4.89
CA CYS A 23 -0.51 -2.78 4.98
C CYS A 23 -1.27 -1.47 4.80
N ALA A 24 -2.35 -1.52 4.04
CA ALA A 24 -3.16 -0.33 3.77
C ALA A 24 -4.13 -0.08 4.93
N ASN A 25 -3.86 -0.68 6.08
CA ASN A 25 -4.70 -0.51 7.26
C ASN A 25 -3.88 -0.13 8.47
N CYS A 26 -2.95 -1.00 8.86
CA CYS A 26 -2.09 -0.76 10.02
C CYS A 26 -0.79 -0.09 9.58
N LYS A 27 -0.52 -0.12 8.28
CA LYS A 27 0.70 0.48 7.74
C LYS A 27 1.95 -0.21 8.30
N LYS A 28 1.93 -1.54 8.32
CA LYS A 28 3.05 -2.31 8.84
C LYS A 28 3.92 -2.82 7.69
N PRO A 29 5.23 -2.94 7.95
CA PRO A 29 6.20 -3.42 6.96
C PRO A 29 6.03 -4.90 6.65
N LEU A 30 5.36 -5.20 5.54
CA LEU A 30 5.12 -6.58 5.14
C LEU A 30 6.37 -7.17 4.49
N GLN A 31 6.76 -8.36 4.94
CA GLN A 31 7.94 -9.03 4.41
C GLN A 31 7.54 -10.09 3.39
N LYS A 32 8.42 -10.34 2.42
CA LYS A 32 8.17 -11.33 1.38
C LYS A 32 7.54 -12.58 1.97
N GLY A 33 8.11 -13.08 3.07
CA GLY A 33 7.59 -14.27 3.70
C GLY A 33 6.12 -14.15 4.06
N GLN A 34 5.73 -12.97 4.51
CA GLN A 34 4.34 -12.72 4.89
C GLN A 34 3.46 -12.56 3.66
N THR A 35 2.34 -13.27 3.63
CA THR A 35 1.41 -13.20 2.52
C THR A 35 0.61 -11.90 2.53
N ALA A 36 0.02 -11.56 1.40
CA ALA A 36 -0.78 -10.35 1.28
C ALA A 36 -2.24 -10.67 0.96
N TYR A 37 -3.15 -9.88 1.50
CA TYR A 37 -4.57 -10.08 1.25
C TYR A 37 -5.20 -8.86 0.60
N GLN A 38 -5.95 -9.08 -0.47
CA GLN A 38 -6.61 -8.00 -1.19
C GLN A 38 -7.97 -8.44 -1.72
N ARG A 39 -8.73 -7.49 -2.25
CA ARG A 39 -10.06 -7.78 -2.79
C ARG A 39 -10.16 -7.33 -4.25
N LYS A 40 -10.91 -8.10 -5.03
CA LYS A 40 -11.09 -7.79 -6.45
C LYS A 40 -11.26 -6.29 -6.66
N GLY A 41 -10.41 -5.71 -7.50
CA GLY A 41 -10.49 -4.29 -7.77
C GLY A 41 -9.66 -3.46 -6.80
N SER A 42 -9.71 -3.84 -5.53
CA SER A 42 -8.97 -3.13 -4.50
C SER A 42 -7.48 -3.44 -4.58
N ALA A 43 -6.74 -2.55 -5.23
CA ALA A 43 -5.30 -2.72 -5.39
C ALA A 43 -4.61 -2.77 -4.03
N HIS A 44 -5.00 -1.88 -3.14
CA HIS A 44 -4.41 -1.81 -1.80
C HIS A 44 -4.32 -3.20 -1.18
N LEU A 45 -3.15 -3.51 -0.61
CA LEU A 45 -2.93 -4.81 0.02
C LEU A 45 -3.13 -4.73 1.52
N PHE A 46 -3.08 -5.88 2.18
CA PHE A 46 -3.26 -5.94 3.62
C PHE A 46 -2.36 -7.01 4.24
N CYS A 47 -2.09 -6.87 5.54
CA CYS A 47 -1.23 -7.81 6.25
C CYS A 47 -2.01 -9.07 6.61
N SER A 48 -3.22 -8.89 7.11
CA SER A 48 -4.08 -10.01 7.50
C SER A 48 -5.55 -9.67 7.30
N THR A 49 -6.41 -10.63 7.62
CA THR A 49 -7.85 -10.45 7.46
C THR A 49 -8.35 -9.29 8.31
N THR A 50 -8.03 -9.34 9.61
CA THR A 50 -8.46 -8.31 10.54
C THR A 50 -8.48 -6.94 9.86
N CYS A 51 -7.41 -6.62 9.14
CA CYS A 51 -7.30 -5.35 8.44
C CYS A 51 -8.14 -5.36 7.16
N LEU A 52 -7.89 -6.37 6.32
CA LEU A 52 -8.61 -6.49 5.06
C LEU A 52 -10.07 -6.07 5.22
N SER A 53 -10.72 -6.58 6.25
CA SER A 53 -12.11 -6.25 6.52
C SER A 53 -12.24 -4.89 7.20
N SER A 54 -11.41 -4.67 8.22
CA SER A 54 -11.44 -3.40 8.96
C SER A 54 -11.45 -2.22 8.00
N PHE A 55 -10.50 -2.19 7.07
CA PHE A 55 -10.40 -1.11 6.11
C PHE A 55 -11.73 -0.92 5.37
N SER A 56 -12.24 -2.01 4.81
CA SER A 56 -13.51 -1.96 4.08
C SER A 56 -14.52 -1.09 4.81
N SER A 57 -15.57 -0.69 4.08
CA SER A 57 -16.62 0.16 4.66
C SER A 57 -17.96 -0.57 4.66
N GLY A 58 -18.96 0.06 5.27
CA GLY A 58 -20.28 -0.54 5.32
C GLY A 58 -21.11 0.01 6.47
N PRO A 59 -22.13 -0.76 6.89
CA PRO A 59 -23.01 -0.38 7.98
C PRO A 59 -22.31 -0.39 9.34
N SER A 60 -21.63 0.70 9.66
CA SER A 60 -20.91 0.81 10.93
C SER A 60 -21.86 1.21 12.06
N SER A 61 -22.64 2.27 11.82
CA SER A 61 -23.58 2.76 12.83
C SER A 61 -24.84 1.89 12.85
N GLY A 62 -25.33 1.62 14.05
CA GLY A 62 -26.52 0.80 14.19
C GLY A 62 -26.33 -0.36 15.15
ZN ZN B . -2.66 -4.70 8.70
N GLY A 1 4.29 55.42 -14.61
CA GLY A 1 5.37 54.53 -14.25
C GLY A 1 4.88 53.17 -13.78
N SER A 2 5.35 52.12 -14.43
CA SER A 2 4.94 50.76 -14.09
C SER A 2 5.87 49.73 -14.73
N SER A 3 5.95 48.56 -14.11
CA SER A 3 6.80 47.49 -14.63
C SER A 3 6.49 46.16 -13.94
N GLY A 4 7.10 45.08 -14.43
CA GLY A 4 6.86 43.77 -13.85
C GLY A 4 6.31 42.79 -14.86
N SER A 5 7.06 42.55 -15.92
CA SER A 5 6.63 41.63 -16.97
C SER A 5 6.36 40.24 -16.39
N SER A 6 7.32 39.72 -15.64
CA SER A 6 7.17 38.40 -15.03
C SER A 6 8.20 38.22 -13.90
N GLY A 7 7.79 37.49 -12.86
CA GLY A 7 8.68 37.25 -11.74
C GLY A 7 8.16 36.16 -10.82
N GLN A 8 8.44 34.91 -11.17
CA GLN A 8 8.00 33.77 -10.38
C GLN A 8 9.16 32.85 -10.04
N PRO A 9 9.78 33.08 -8.87
CA PRO A 9 10.93 32.29 -8.42
C PRO A 9 10.52 30.85 -8.04
N THR A 10 9.25 30.53 -8.25
CA THR A 10 8.74 29.21 -7.93
C THR A 10 9.66 28.11 -8.47
N ALA A 11 10.03 27.18 -7.60
CA ALA A 11 10.92 26.09 -8.00
C ALA A 11 11.04 25.06 -6.87
N GLN A 12 10.77 23.80 -7.19
CA GLN A 12 10.85 22.72 -6.21
C GLN A 12 10.66 21.36 -6.87
N GLN A 13 11.34 20.35 -6.33
CA GLN A 13 11.25 19.00 -6.88
C GLN A 13 11.32 17.97 -5.76
N GLN A 14 10.82 16.76 -6.04
CA GLN A 14 10.84 15.69 -5.07
C GLN A 14 10.85 14.33 -5.75
N LEU A 15 11.62 13.40 -5.20
CA LEU A 15 11.73 12.06 -5.77
C LEU A 15 10.86 11.06 -4.98
N THR A 16 9.71 10.71 -5.55
CA THR A 16 8.80 9.78 -4.91
C THR A 16 8.73 8.46 -5.69
N LYS A 17 9.39 7.44 -5.17
CA LYS A 17 9.40 6.13 -5.80
C LYS A 17 9.11 5.03 -4.79
N PRO A 18 8.65 3.87 -5.29
CA PRO A 18 8.33 2.72 -4.44
C PRO A 18 9.56 2.08 -3.83
N ALA A 19 9.55 1.92 -2.50
CA ALA A 19 10.66 1.32 -1.79
C ALA A 19 10.29 -0.04 -1.22
N LYS A 20 9.18 -0.07 -0.48
CA LYS A 20 8.70 -1.31 0.13
C LYS A 20 7.18 -1.37 0.14
N ILE A 21 6.63 -2.46 0.66
CA ILE A 21 5.18 -2.63 0.74
C ILE A 21 4.72 -2.71 2.18
N THR A 22 3.58 -2.08 2.48
CA THR A 22 3.03 -2.09 3.83
C THR A 22 1.51 -2.21 3.79
N CYS A 23 0.94 -2.72 4.87
CA CYS A 23 -0.50 -2.88 4.97
C CYS A 23 -1.22 -1.55 4.76
N ALA A 24 -2.29 -1.57 3.96
CA ALA A 24 -3.06 -0.37 3.69
C ALA A 24 -4.02 -0.06 4.82
N ASN A 25 -3.79 -0.68 5.98
CA ASN A 25 -4.65 -0.47 7.14
C ASN A 25 -3.82 -0.03 8.35
N CYS A 26 -2.91 -0.89 8.78
CA CYS A 26 -2.05 -0.60 9.93
C CYS A 26 -0.74 0.04 9.47
N LYS A 27 -0.42 -0.12 8.20
CA LYS A 27 0.81 0.44 7.64
C LYS A 27 2.03 -0.22 8.24
N LYS A 28 2.02 -1.55 8.27
CA LYS A 28 3.14 -2.31 8.81
C LYS A 28 4.01 -2.87 7.70
N PRO A 29 5.32 -2.99 7.98
CA PRO A 29 6.29 -3.51 7.01
C PRO A 29 6.11 -5.01 6.75
N LEU A 30 5.42 -5.35 5.67
CA LEU A 30 5.18 -6.73 5.32
C LEU A 30 6.38 -7.33 4.59
N GLN A 31 6.81 -8.51 5.05
CA GLN A 31 7.95 -9.19 4.44
C GLN A 31 7.52 -10.04 3.26
N LYS A 32 8.43 -10.24 2.32
CA LYS A 32 8.14 -11.04 1.13
C LYS A 32 7.48 -12.36 1.52
N GLY A 33 8.17 -13.15 2.33
CA GLY A 33 7.63 -14.44 2.75
C GLY A 33 6.23 -14.32 3.30
N GLN A 34 6.00 -13.30 4.12
CA GLN A 34 4.68 -13.09 4.72
C GLN A 34 3.60 -13.09 3.65
N THR A 35 2.35 -13.26 4.08
CA THR A 35 1.21 -13.27 3.16
C THR A 35 0.38 -12.00 3.28
N ALA A 36 -0.18 -11.56 2.15
CA ALA A 36 -1.00 -10.35 2.13
C ALA A 36 -2.33 -10.61 1.44
N TYR A 37 -3.34 -9.84 1.81
CA TYR A 37 -4.67 -9.99 1.23
C TYR A 37 -5.03 -8.77 0.39
N GLN A 38 -5.65 -9.01 -0.76
CA GLN A 38 -6.05 -7.93 -1.65
C GLN A 38 -7.42 -8.22 -2.26
N ARG A 39 -8.24 -7.17 -2.38
CA ARG A 39 -9.57 -7.31 -2.96
C ARG A 39 -9.54 -7.12 -4.46
N LYS A 40 -10.64 -7.44 -5.12
CA LYS A 40 -10.75 -7.31 -6.57
C LYS A 40 -11.10 -5.88 -6.96
N GLY A 41 -10.22 -5.24 -7.73
CA GLY A 41 -10.46 -3.88 -8.16
C GLY A 41 -10.32 -2.88 -7.03
N SER A 42 -9.26 -3.04 -6.24
CA SER A 42 -9.01 -2.14 -5.10
C SER A 42 -7.59 -1.60 -5.15
N ALA A 43 -6.65 -2.46 -5.54
CA ALA A 43 -5.25 -2.06 -5.62
C ALA A 43 -4.69 -1.72 -4.24
N HIS A 44 -5.04 -2.53 -3.25
CA HIS A 44 -4.57 -2.31 -1.89
C HIS A 44 -4.28 -3.65 -1.19
N LEU A 45 -3.10 -3.77 -0.62
CA LEU A 45 -2.70 -4.98 0.08
C LEU A 45 -2.97 -4.88 1.57
N PHE A 46 -2.96 -6.01 2.26
CA PHE A 46 -3.21 -6.04 3.70
C PHE A 46 -2.34 -7.10 4.37
N CYS A 47 -2.12 -6.93 5.67
CA CYS A 47 -1.31 -7.87 6.44
C CYS A 47 -2.13 -9.10 6.83
N SER A 48 -3.38 -8.87 7.23
CA SER A 48 -4.25 -9.96 7.63
C SER A 48 -5.72 -9.58 7.42
N THR A 49 -6.60 -10.56 7.59
CA THR A 49 -8.03 -10.33 7.41
C THR A 49 -8.52 -9.19 8.29
N THR A 50 -8.16 -9.24 9.58
CA THR A 50 -8.57 -8.21 10.53
C THR A 50 -8.56 -6.83 9.87
N CYS A 51 -7.49 -6.53 9.14
CA CYS A 51 -7.36 -5.25 8.46
C CYS A 51 -8.18 -5.22 7.18
N LEU A 52 -8.08 -6.28 6.40
CA LEU A 52 -8.82 -6.38 5.14
C LEU A 52 -10.29 -6.03 5.35
N SER A 53 -10.88 -6.56 6.41
CA SER A 53 -12.28 -6.30 6.73
C SER A 53 -12.46 -4.92 7.35
N SER A 54 -11.66 -4.64 8.37
CA SER A 54 -11.72 -3.36 9.06
C SER A 54 -11.72 -2.20 8.06
N PHE A 55 -10.72 -2.19 7.19
CA PHE A 55 -10.61 -1.14 6.18
C PHE A 55 -11.95 -0.90 5.49
N SER A 56 -12.52 -1.96 4.94
CA SER A 56 -13.81 -1.87 4.24
C SER A 56 -14.92 -2.48 5.07
N SER A 57 -15.80 -1.62 5.58
CA SER A 57 -16.91 -2.08 6.41
C SER A 57 -18.23 -1.45 5.95
N GLY A 58 -18.18 -0.15 5.64
CA GLY A 58 -19.37 0.54 5.19
C GLY A 58 -20.35 0.81 6.31
N PRO A 59 -21.52 1.37 5.96
CA PRO A 59 -22.56 1.69 6.94
C PRO A 59 -23.23 0.44 7.49
N SER A 60 -22.80 0.03 8.68
CA SER A 60 -23.35 -1.16 9.33
C SER A 60 -24.85 -1.02 9.53
N SER A 61 -25.28 0.13 10.02
CA SER A 61 -26.69 0.40 10.26
C SER A 61 -27.22 1.46 9.30
N GLY A 62 -27.86 1.01 8.22
CA GLY A 62 -28.40 1.94 7.24
C GLY A 62 -28.96 1.23 6.03
ZN ZN B . -2.71 -4.62 8.76
N GLY A 1 6.42 -3.65 -41.60
CA GLY A 1 6.92 -2.60 -40.73
C GLY A 1 5.84 -2.03 -39.83
N SER A 2 6.26 -1.46 -38.71
CA SER A 2 5.32 -0.87 -37.76
C SER A 2 6.06 -0.02 -36.73
N SER A 3 5.60 1.22 -36.57
CA SER A 3 6.21 2.15 -35.63
C SER A 3 5.33 3.37 -35.41
N GLY A 4 5.61 4.12 -34.35
CA GLY A 4 4.82 5.30 -34.04
C GLY A 4 4.38 5.35 -32.59
N SER A 5 4.06 6.54 -32.11
CA SER A 5 3.63 6.72 -30.73
C SER A 5 2.54 7.77 -30.64
N SER A 6 1.47 7.45 -29.90
CA SER A 6 0.35 8.37 -29.73
C SER A 6 -0.20 8.30 -28.31
N GLY A 7 -0.11 9.41 -27.58
CA GLY A 7 -0.60 9.45 -26.22
C GLY A 7 0.30 10.27 -25.31
N GLN A 8 0.18 10.04 -24.00
CA GLN A 8 0.98 10.77 -23.03
C GLN A 8 2.04 9.87 -22.41
N PRO A 9 3.18 9.73 -23.12
CA PRO A 9 4.29 8.89 -22.66
C PRO A 9 5.00 9.49 -21.44
N THR A 10 5.24 8.65 -20.44
CA THR A 10 5.92 9.09 -19.23
C THR A 10 7.15 8.25 -18.95
N ALA A 11 8.31 8.91 -18.93
CA ALA A 11 9.57 8.24 -18.68
C ALA A 11 10.53 9.13 -17.89
N GLN A 12 10.73 8.78 -16.62
CA GLN A 12 11.61 9.55 -15.75
C GLN A 12 11.94 8.78 -14.48
N GLN A 13 13.21 8.77 -14.10
CA GLN A 13 13.65 8.06 -12.91
C GLN A 13 13.31 8.87 -11.65
N GLN A 14 12.98 8.16 -10.57
CA GLN A 14 12.65 8.82 -9.31
C GLN A 14 13.02 7.94 -8.12
N LEU A 15 13.75 8.51 -7.17
CA LEU A 15 14.18 7.78 -5.98
C LEU A 15 13.86 8.57 -4.71
N THR A 16 12.68 9.18 -4.68
CA THR A 16 12.25 9.96 -3.54
C THR A 16 11.26 9.17 -2.68
N LYS A 17 11.53 7.89 -2.49
CA LYS A 17 10.67 7.03 -1.70
C LYS A 17 11.27 5.64 -1.54
N PRO A 18 10.93 4.96 -0.44
CA PRO A 18 11.43 3.61 -0.16
C PRO A 18 10.83 2.57 -1.10
N ALA A 19 11.41 1.36 -1.08
CA ALA A 19 10.92 0.28 -1.92
C ALA A 19 10.50 -0.92 -1.09
N LYS A 20 9.26 -0.88 -0.60
CA LYS A 20 8.73 -1.98 0.21
C LYS A 20 7.20 -1.96 0.21
N ILE A 21 6.60 -2.99 0.79
CA ILE A 21 5.15 -3.09 0.86
C ILE A 21 4.66 -3.06 2.30
N THR A 22 3.57 -2.34 2.53
CA THR A 22 2.99 -2.23 3.87
C THR A 22 1.47 -2.36 3.82
N CYS A 23 0.89 -2.81 4.94
CA CYS A 23 -0.55 -2.98 5.03
C CYS A 23 -1.27 -1.66 4.75
N ALA A 24 -2.35 -1.73 3.98
CA ALA A 24 -3.13 -0.55 3.63
C ALA A 24 -4.08 -0.19 4.76
N ASN A 25 -3.84 -0.73 5.95
CA ASN A 25 -4.68 -0.46 7.11
C ASN A 25 -3.84 -0.03 8.31
N CYS A 26 -2.94 -0.91 8.73
CA CYS A 26 -2.07 -0.63 9.86
C CYS A 26 -0.75 -0.03 9.40
N LYS A 27 -0.45 -0.18 8.12
CA LYS A 27 0.78 0.35 7.55
C LYS A 27 2.00 -0.33 8.18
N LYS A 28 1.95 -1.65 8.30
CA LYS A 28 3.05 -2.41 8.88
C LYS A 28 3.94 -2.98 7.79
N PRO A 29 5.25 -3.06 8.07
CA PRO A 29 6.23 -3.60 7.14
C PRO A 29 6.10 -5.11 6.94
N LEU A 30 5.36 -5.50 5.91
CA LEU A 30 5.16 -6.92 5.62
C LEU A 30 6.44 -7.57 5.13
N GLN A 31 6.99 -8.46 5.95
CA GLN A 31 8.23 -9.15 5.61
C GLN A 31 8.17 -9.68 4.17
N LYS A 32 9.17 -9.33 3.37
CA LYS A 32 9.23 -9.77 1.99
C LYS A 32 9.02 -11.28 1.89
N GLY A 33 8.06 -11.69 1.06
CA GLY A 33 7.77 -13.10 0.88
C GLY A 33 6.78 -13.62 1.90
N GLN A 34 5.87 -12.76 2.33
CA GLN A 34 4.85 -13.15 3.31
C GLN A 34 3.49 -13.29 2.66
N THR A 35 2.48 -13.63 3.46
CA THR A 35 1.13 -13.80 2.96
C THR A 35 0.28 -12.56 3.20
N ALA A 36 -0.40 -12.10 2.16
CA ALA A 36 -1.24 -10.92 2.26
C ALA A 36 -2.63 -11.19 1.70
N TYR A 37 -3.53 -10.22 1.84
CA TYR A 37 -4.90 -10.35 1.36
C TYR A 37 -5.20 -9.29 0.30
N GLN A 38 -5.49 -9.74 -0.91
CA GLN A 38 -5.81 -8.83 -2.01
C GLN A 38 -7.30 -8.78 -2.27
N ARG A 39 -7.84 -7.57 -2.41
CA ARG A 39 -9.26 -7.40 -2.66
C ARG A 39 -9.50 -6.66 -3.97
N LYS A 40 -9.78 -7.42 -5.03
CA LYS A 40 -10.03 -6.84 -6.34
C LYS A 40 -10.88 -5.58 -6.23
N GLY A 41 -10.55 -4.58 -7.04
CA GLY A 41 -11.30 -3.33 -7.02
C GLY A 41 -10.68 -2.31 -6.10
N SER A 42 -10.24 -2.75 -4.93
CA SER A 42 -9.63 -1.87 -3.95
C SER A 42 -8.18 -1.54 -4.32
N ALA A 43 -7.50 -2.52 -4.90
CA ALA A 43 -6.11 -2.34 -5.31
C ALA A 43 -5.22 -2.02 -4.11
N HIS A 44 -5.44 -2.72 -3.01
CA HIS A 44 -4.66 -2.50 -1.80
C HIS A 44 -4.44 -3.82 -1.05
N LEU A 45 -3.19 -4.05 -0.63
CA LEU A 45 -2.85 -5.27 0.10
C LEU A 45 -3.05 -5.08 1.59
N PHE A 46 -3.20 -6.19 2.31
CA PHE A 46 -3.39 -6.15 3.75
C PHE A 46 -2.55 -7.23 4.44
N CYS A 47 -2.21 -6.98 5.70
CA CYS A 47 -1.41 -7.92 6.47
C CYS A 47 -2.27 -9.10 6.95
N SER A 48 -3.53 -8.83 7.24
CA SER A 48 -4.44 -9.86 7.71
C SER A 48 -5.89 -9.47 7.42
N THR A 49 -6.81 -10.38 7.71
CA THR A 49 -8.24 -10.14 7.48
C THR A 49 -8.73 -8.98 8.35
N THR A 50 -8.39 -9.01 9.63
CA THR A 50 -8.80 -7.97 10.56
C THR A 50 -8.72 -6.60 9.92
N CYS A 51 -7.64 -6.35 9.17
CA CYS A 51 -7.44 -5.08 8.50
C CYS A 51 -8.27 -5.01 7.21
N LEU A 52 -8.19 -6.06 6.41
CA LEU A 52 -8.93 -6.11 5.15
C LEU A 52 -10.36 -5.62 5.34
N SER A 53 -11.01 -6.10 6.39
CA SER A 53 -12.38 -5.70 6.68
C SER A 53 -12.43 -4.33 7.35
N SER A 54 -11.66 -4.19 8.43
CA SER A 54 -11.62 -2.92 9.16
C SER A 54 -11.54 -1.74 8.20
N PHE A 55 -10.65 -1.82 7.22
CA PHE A 55 -10.48 -0.76 6.24
C PHE A 55 -11.83 -0.32 5.68
N SER A 56 -12.68 -1.30 5.37
CA SER A 56 -14.00 -1.02 4.82
C SER A 56 -14.61 0.22 5.47
N SER A 57 -14.55 0.27 6.80
CA SER A 57 -15.09 1.39 7.56
C SER A 57 -14.09 2.54 7.62
N GLY A 58 -14.26 3.52 6.73
CA GLY A 58 -13.36 4.66 6.71
C GLY A 58 -13.57 5.54 5.49
N PRO A 59 -12.70 6.55 5.33
CA PRO A 59 -12.78 7.48 4.20
C PRO A 59 -12.40 6.81 2.87
N SER A 60 -13.39 6.18 2.25
CA SER A 60 -13.17 5.51 0.97
C SER A 60 -14.26 5.88 -0.03
N SER A 61 -13.90 6.72 -1.00
CA SER A 61 -14.85 7.15 -2.02
C SER A 61 -15.18 6.01 -2.97
N GLY A 62 -14.13 5.41 -3.54
CA GLY A 62 -14.34 4.31 -4.47
C GLY A 62 -14.07 2.96 -3.84
ZN ZN B . -2.77 -4.68 8.82
N GLY A 1 49.90 -3.97 -7.43
CA GLY A 1 50.20 -4.37 -6.07
C GLY A 1 48.94 -4.52 -5.23
N SER A 2 49.00 -3.99 -4.01
CA SER A 2 47.86 -4.07 -3.09
C SER A 2 47.42 -2.68 -2.64
N SER A 3 46.40 -2.15 -3.30
CA SER A 3 45.88 -0.82 -2.97
C SER A 3 44.57 -0.56 -3.69
N GLY A 4 43.93 0.55 -3.35
CA GLY A 4 42.66 0.90 -3.96
C GLY A 4 42.46 2.41 -4.08
N SER A 5 41.67 2.97 -3.18
CA SER A 5 41.41 4.41 -3.19
C SER A 5 40.67 4.82 -4.46
N SER A 6 39.71 3.99 -4.87
CA SER A 6 38.93 4.27 -6.07
C SER A 6 37.73 5.15 -5.76
N GLY A 7 37.28 5.92 -6.74
CA GLY A 7 36.15 6.80 -6.55
C GLY A 7 35.32 6.95 -7.82
N GLN A 8 34.08 6.47 -7.77
CA GLN A 8 33.18 6.55 -8.92
C GLN A 8 31.92 7.31 -8.55
N PRO A 9 32.00 8.66 -8.58
CA PRO A 9 30.86 9.53 -8.26
C PRO A 9 29.77 9.48 -9.33
N THR A 10 28.58 9.94 -8.98
CA THR A 10 27.46 9.96 -9.91
C THR A 10 26.73 11.30 -9.88
N ALA A 11 26.46 11.84 -11.06
CA ALA A 11 25.77 13.12 -11.16
C ALA A 11 24.25 12.93 -11.22
N GLN A 12 23.80 12.18 -12.21
CA GLN A 12 22.37 11.90 -12.37
C GLN A 12 21.73 11.58 -11.03
N GLN A 13 20.40 11.74 -10.96
CA GLN A 13 19.67 11.47 -9.73
C GLN A 13 18.52 10.49 -10.00
N GLN A 14 18.56 9.34 -9.33
CA GLN A 14 17.53 8.33 -9.48
C GLN A 14 17.08 7.79 -8.14
N LEU A 15 16.17 6.82 -8.16
CA LEU A 15 15.65 6.22 -6.94
C LEU A 15 16.79 5.76 -6.04
N THR A 16 16.79 6.23 -4.80
CA THR A 16 17.82 5.86 -3.84
C THR A 16 17.20 5.38 -2.54
N LYS A 17 16.20 6.09 -2.06
CA LYS A 17 15.52 5.74 -0.82
C LYS A 17 14.99 4.31 -0.88
N PRO A 18 14.77 3.71 0.30
CA PRO A 18 14.26 2.34 0.42
C PRO A 18 12.81 2.22 -0.03
N ALA A 19 12.41 1.02 -0.43
CA ALA A 19 11.04 0.76 -0.87
C ALA A 19 10.56 -0.60 -0.40
N LYS A 20 9.27 -0.68 -0.07
CA LYS A 20 8.67 -1.92 0.40
C LYS A 20 7.16 -1.82 0.42
N ILE A 21 6.50 -2.89 0.84
CA ILE A 21 5.04 -2.93 0.91
C ILE A 21 4.57 -2.92 2.36
N THR A 22 3.53 -2.15 2.63
CA THR A 22 2.97 -2.05 3.98
C THR A 22 1.45 -2.19 3.96
N CYS A 23 0.91 -2.82 4.99
CA CYS A 23 -0.53 -3.02 5.09
C CYS A 23 -1.28 -1.72 4.77
N ALA A 24 -2.37 -1.85 4.01
CA ALA A 24 -3.18 -0.71 3.63
C ALA A 24 -4.17 -0.34 4.73
N ASN A 25 -3.87 -0.78 5.95
CA ASN A 25 -4.74 -0.49 7.09
C ASN A 25 -3.93 0.01 8.28
N CYS A 26 -3.01 -0.83 8.75
CA CYS A 26 -2.16 -0.50 9.89
C CYS A 26 -0.83 0.10 9.42
N LYS A 27 -0.53 -0.09 8.14
CA LYS A 27 0.71 0.43 7.56
C LYS A 27 1.92 -0.23 8.20
N LYS A 28 1.87 -1.55 8.33
CA LYS A 28 2.97 -2.31 8.91
C LYS A 28 3.89 -2.86 7.83
N PRO A 29 5.19 -2.93 8.13
CA PRO A 29 6.20 -3.44 7.20
C PRO A 29 6.09 -4.94 6.98
N LEU A 30 5.38 -5.33 5.93
CA LEU A 30 5.20 -6.74 5.62
C LEU A 30 6.44 -7.33 4.97
N GLN A 31 7.03 -8.32 5.63
CA GLN A 31 8.24 -8.97 5.13
C GLN A 31 8.00 -9.57 3.74
N LYS A 32 8.89 -9.28 2.81
CA LYS A 32 8.78 -9.79 1.45
C LYS A 32 8.68 -11.31 1.45
N GLY A 33 7.49 -11.83 1.17
CA GLY A 33 7.29 -13.26 1.15
C GLY A 33 6.01 -13.68 1.86
N GLN A 34 5.74 -13.06 3.01
CA GLN A 34 4.56 -13.38 3.78
C GLN A 34 3.29 -13.20 2.95
N THR A 35 2.33 -14.10 3.13
CA THR A 35 1.08 -14.02 2.39
C THR A 35 0.33 -12.73 2.70
N ALA A 36 -0.26 -12.13 1.67
CA ALA A 36 -1.01 -10.90 1.85
C ALA A 36 -2.45 -11.06 1.37
N TYR A 37 -3.36 -10.30 1.98
CA TYR A 37 -4.77 -10.36 1.62
C TYR A 37 -5.20 -9.12 0.85
N GLN A 38 -5.87 -9.33 -0.27
CA GLN A 38 -6.33 -8.22 -1.11
C GLN A 38 -7.70 -8.52 -1.70
N ARG A 39 -8.32 -7.50 -2.29
CA ARG A 39 -9.64 -7.65 -2.89
C ARG A 39 -9.55 -7.57 -4.41
N LYS A 40 -10.52 -8.19 -5.09
CA LYS A 40 -10.56 -8.18 -6.54
C LYS A 40 -10.83 -6.77 -7.08
N GLY A 41 -9.85 -6.21 -7.77
CA GLY A 41 -9.99 -4.88 -8.33
C GLY A 41 -9.10 -3.87 -7.64
N SER A 42 -9.06 -3.92 -6.31
CA SER A 42 -8.24 -2.99 -5.53
C SER A 42 -6.77 -3.40 -5.56
N ALA A 43 -5.89 -2.40 -5.57
CA ALA A 43 -4.45 -2.65 -5.60
C ALA A 43 -3.82 -2.38 -4.24
N HIS A 44 -4.55 -2.73 -3.17
CA HIS A 44 -4.05 -2.52 -1.82
C HIS A 44 -3.95 -3.85 -1.08
N LEU A 45 -2.77 -4.12 -0.52
CA LEU A 45 -2.53 -5.35 0.22
C LEU A 45 -2.82 -5.15 1.71
N PHE A 46 -2.98 -6.26 2.43
CA PHE A 46 -3.27 -6.22 3.86
C PHE A 46 -2.44 -7.27 4.61
N CYS A 47 -2.15 -6.97 5.86
CA CYS A 47 -1.37 -7.88 6.69
C CYS A 47 -2.20 -9.08 7.12
N SER A 48 -3.42 -8.82 7.55
CA SER A 48 -4.33 -9.88 7.99
C SER A 48 -5.78 -9.52 7.69
N THR A 49 -6.67 -10.51 7.80
CA THR A 49 -8.08 -10.30 7.52
C THR A 49 -8.62 -9.13 8.33
N THR A 50 -8.35 -9.14 9.64
CA THR A 50 -8.81 -8.07 10.52
C THR A 50 -8.75 -6.71 9.82
N CYS A 51 -7.62 -6.41 9.20
CA CYS A 51 -7.44 -5.16 8.50
C CYS A 51 -8.22 -5.15 7.19
N LEU A 52 -8.04 -6.20 6.39
CA LEU A 52 -8.72 -6.31 5.11
C LEU A 52 -10.14 -5.76 5.19
N SER A 53 -10.85 -6.14 6.25
CA SER A 53 -12.22 -5.68 6.45
C SER A 53 -12.24 -4.29 7.08
N SER A 54 -11.52 -4.14 8.19
CA SER A 54 -11.46 -2.85 8.89
C SER A 54 -11.33 -1.71 7.90
N PHE A 55 -10.48 -1.88 6.90
CA PHE A 55 -10.26 -0.86 5.88
C PHE A 55 -11.58 -0.25 5.43
N SER A 56 -12.57 -1.12 5.20
CA SER A 56 -13.89 -0.67 4.75
C SER A 56 -14.95 -0.99 5.80
N SER A 57 -14.63 -0.73 7.06
CA SER A 57 -15.56 -1.00 8.15
C SER A 57 -16.11 0.30 8.73
N GLY A 58 -17.10 0.87 8.06
CA GLY A 58 -17.69 2.11 8.52
C GLY A 58 -18.93 1.88 9.36
N PRO A 59 -18.98 2.52 10.54
CA PRO A 59 -20.12 2.40 11.47
C PRO A 59 -21.38 3.08 10.94
N SER A 60 -22.45 3.01 11.71
CA SER A 60 -23.72 3.62 11.32
C SER A 60 -23.65 5.14 11.42
N SER A 61 -23.36 5.62 12.63
CA SER A 61 -23.26 7.06 12.87
C SER A 61 -21.85 7.44 13.33
N GLY A 62 -21.27 8.43 12.65
CA GLY A 62 -19.94 8.88 12.99
C GLY A 62 -19.55 10.16 12.26
ZN ZN B . -2.79 -4.59 8.94
N GLY A 1 43.65 9.67 -12.78
CA GLY A 1 44.09 8.94 -11.61
C GLY A 1 43.65 7.49 -11.64
N SER A 2 43.83 6.79 -10.52
CA SER A 2 43.46 5.39 -10.43
C SER A 2 42.75 5.11 -9.10
N SER A 3 41.60 4.44 -9.17
CA SER A 3 40.83 4.11 -7.98
C SER A 3 39.85 2.97 -8.28
N GLY A 4 39.38 2.33 -7.21
CA GLY A 4 38.44 1.23 -7.36
C GLY A 4 37.03 1.71 -7.63
N SER A 5 36.56 1.50 -8.86
CA SER A 5 35.21 1.91 -9.24
C SER A 5 34.38 0.72 -9.70
N SER A 6 33.08 0.78 -9.43
CA SER A 6 32.17 -0.30 -9.82
C SER A 6 31.50 0.02 -11.16
N GLY A 7 31.48 -0.97 -12.05
CA GLY A 7 30.86 -0.80 -13.35
C GLY A 7 30.94 -2.04 -14.21
N GLN A 8 30.74 -3.20 -13.59
CA GLN A 8 30.79 -4.47 -14.31
C GLN A 8 29.58 -5.32 -13.95
N PRO A 9 28.39 -4.90 -14.42
CA PRO A 9 27.14 -5.63 -14.17
C PRO A 9 27.08 -6.94 -14.94
N THR A 10 26.16 -7.81 -14.52
CA THR A 10 25.99 -9.12 -15.16
C THR A 10 24.61 -9.24 -15.79
N ALA A 11 23.58 -8.94 -15.00
CA ALA A 11 22.21 -9.03 -15.49
C ALA A 11 21.64 -7.63 -15.77
N GLN A 12 20.74 -7.55 -16.74
CA GLN A 12 20.13 -6.28 -17.10
C GLN A 12 18.99 -5.94 -16.15
N GLN A 13 18.12 -6.91 -15.90
CA GLN A 13 16.99 -6.70 -15.00
C GLN A 13 16.32 -8.03 -14.66
N GLN A 14 16.21 -8.32 -13.37
CA GLN A 14 15.59 -9.56 -12.91
C GLN A 14 15.25 -9.48 -11.43
N LEU A 15 13.96 -9.44 -11.12
CA LEU A 15 13.50 -9.36 -9.74
C LEU A 15 12.30 -10.26 -9.52
N THR A 16 12.23 -10.89 -8.35
CA THR A 16 11.13 -11.78 -8.01
C THR A 16 10.23 -11.15 -6.95
N LYS A 17 10.84 -10.52 -5.94
CA LYS A 17 10.09 -9.88 -4.88
C LYS A 17 10.04 -8.37 -5.08
N PRO A 18 8.95 -7.74 -4.61
CA PRO A 18 8.76 -6.29 -4.72
C PRO A 18 9.72 -5.51 -3.83
N ALA A 19 9.79 -4.20 -4.06
CA ALA A 19 10.67 -3.34 -3.28
C ALA A 19 10.25 -3.31 -1.81
N LYS A 20 9.04 -2.81 -1.56
CA LYS A 20 8.51 -2.71 -0.21
C LYS A 20 7.00 -2.53 -0.22
N ILE A 21 6.32 -3.15 0.75
CA ILE A 21 4.87 -3.05 0.83
C ILE A 21 4.42 -3.00 2.30
N THR A 22 3.44 -2.15 2.57
CA THR A 22 2.91 -2.00 3.92
C THR A 22 1.40 -2.14 3.94
N CYS A 23 0.87 -2.72 5.02
CA CYS A 23 -0.56 -2.92 5.16
C CYS A 23 -1.32 -1.61 4.93
N ALA A 24 -2.41 -1.69 4.17
CA ALA A 24 -3.21 -0.52 3.88
C ALA A 24 -4.20 -0.24 5.01
N ASN A 25 -3.88 -0.73 6.20
CA ASN A 25 -4.74 -0.52 7.36
C ASN A 25 -3.92 -0.10 8.58
N CYS A 26 -2.98 -0.96 8.97
CA CYS A 26 -2.13 -0.67 10.12
C CYS A 26 -0.82 -0.02 9.68
N LYS A 27 -0.53 -0.10 8.39
CA LYS A 27 0.68 0.48 7.84
C LYS A 27 1.92 -0.21 8.40
N LYS A 28 1.89 -1.54 8.43
CA LYS A 28 3.02 -2.32 8.94
C LYS A 28 3.89 -2.83 7.80
N PRO A 29 5.21 -2.89 8.05
CA PRO A 29 6.18 -3.36 7.06
C PRO A 29 6.07 -4.85 6.80
N LEU A 30 5.35 -5.20 5.74
CA LEU A 30 5.17 -6.61 5.38
C LEU A 30 6.48 -7.21 4.86
N GLN A 31 6.96 -8.23 5.56
CA GLN A 31 8.20 -8.90 5.18
C GLN A 31 8.11 -9.43 3.75
N LYS A 32 9.26 -9.74 3.16
CA LYS A 32 9.31 -10.26 1.80
C LYS A 32 9.01 -11.75 1.78
N GLY A 33 8.04 -12.18 2.59
CA GLY A 33 7.67 -13.58 2.64
C GLY A 33 6.22 -13.78 3.03
N GLN A 34 5.73 -12.96 3.96
CA GLN A 34 4.35 -13.05 4.41
C GLN A 34 3.38 -13.03 3.23
N THR A 35 2.11 -13.30 3.50
CA THR A 35 1.09 -13.31 2.47
C THR A 35 0.37 -11.97 2.39
N ALA A 36 -0.20 -11.68 1.23
CA ALA A 36 -0.93 -10.43 1.03
C ALA A 36 -2.41 -10.69 0.77
N TYR A 37 -3.26 -9.85 1.35
CA TYR A 37 -4.71 -9.99 1.20
C TYR A 37 -5.27 -8.90 0.29
N GLN A 38 -6.04 -9.31 -0.71
CA GLN A 38 -6.63 -8.36 -1.64
C GLN A 38 -8.06 -8.77 -2.00
N ARG A 39 -8.95 -7.78 -2.07
CA ARG A 39 -10.35 -8.04 -2.39
C ARG A 39 -10.53 -8.25 -3.89
N LYS A 40 -10.39 -7.18 -4.66
CA LYS A 40 -10.54 -7.24 -6.11
C LYS A 40 -10.12 -5.93 -6.75
N GLY A 41 -8.99 -5.96 -7.47
CA GLY A 41 -8.51 -4.76 -8.14
C GLY A 41 -7.85 -3.79 -7.17
N SER A 42 -8.51 -3.56 -6.04
CA SER A 42 -8.00 -2.64 -5.03
C SER A 42 -6.46 -2.67 -4.99
N ALA A 43 -5.85 -1.55 -5.33
CA ALA A 43 -4.40 -1.45 -5.33
C ALA A 43 -3.85 -1.24 -3.92
N HIS A 44 -4.40 -1.98 -2.97
CA HIS A 44 -3.98 -1.88 -1.57
C HIS A 44 -3.99 -3.24 -0.90
N LEU A 45 -2.81 -3.70 -0.48
CA LEU A 45 -2.68 -5.00 0.18
C LEU A 45 -2.88 -4.85 1.69
N PHE A 46 -3.00 -5.99 2.37
CA PHE A 46 -3.19 -6.00 3.82
C PHE A 46 -2.34 -7.09 4.47
N CYS A 47 -2.01 -6.89 5.74
CA CYS A 47 -1.21 -7.86 6.47
C CYS A 47 -2.05 -9.08 6.86
N SER A 48 -3.31 -8.83 7.22
CA SER A 48 -4.21 -9.91 7.62
C SER A 48 -5.66 -9.51 7.39
N THR A 49 -6.53 -10.50 7.25
CA THR A 49 -7.95 -10.26 7.02
C THR A 49 -8.47 -9.18 7.96
N THR A 50 -8.18 -9.34 9.25
CA THR A 50 -8.63 -8.37 10.26
C THR A 50 -8.56 -6.95 9.72
N CYS A 51 -7.49 -6.64 9.01
CA CYS A 51 -7.30 -5.31 8.45
C CYS A 51 -8.08 -5.16 7.14
N LEU A 52 -7.93 -6.13 6.25
CA LEU A 52 -8.61 -6.11 4.97
C LEU A 52 -10.05 -5.61 5.12
N SER A 53 -10.78 -6.22 6.04
CA SER A 53 -12.17 -5.82 6.29
C SER A 53 -12.24 -4.52 7.07
N SER A 54 -11.52 -4.47 8.19
CA SER A 54 -11.49 -3.28 9.04
C SER A 54 -11.41 -2.01 8.19
N PHE A 55 -10.53 -2.04 7.18
CA PHE A 55 -10.35 -0.90 6.29
C PHE A 55 -11.70 -0.30 5.89
N SER A 56 -12.61 -1.16 5.45
CA SER A 56 -13.93 -0.72 5.03
C SER A 56 -14.95 -0.92 6.15
N SER A 57 -14.95 -0.01 7.12
CA SER A 57 -15.87 -0.10 8.24
C SER A 57 -16.76 1.14 8.31
N GLY A 58 -17.24 1.58 7.14
CA GLY A 58 -18.10 2.75 7.09
C GLY A 58 -17.40 4.01 7.60
N PRO A 59 -16.40 4.47 6.84
CA PRO A 59 -15.63 5.67 7.19
C PRO A 59 -16.46 6.95 7.07
N SER A 60 -16.58 7.67 8.17
CA SER A 60 -17.34 8.92 8.18
C SER A 60 -16.65 9.99 7.34
N SER A 61 -17.44 10.93 6.84
CA SER A 61 -16.91 12.01 6.01
C SER A 61 -15.74 12.70 6.71
N GLY A 62 -14.73 13.07 5.94
CA GLY A 62 -13.57 13.73 6.49
C GLY A 62 -13.93 14.71 7.59
ZN ZN B . -2.66 -4.77 8.95
N GLY A 1 48.93 17.59 28.03
CA GLY A 1 48.68 16.69 26.92
C GLY A 1 48.06 17.39 25.73
N SER A 2 47.76 16.63 24.68
CA SER A 2 47.16 17.18 23.48
C SER A 2 46.63 16.07 22.58
N SER A 3 45.68 16.43 21.71
CA SER A 3 45.09 15.45 20.79
C SER A 3 44.77 16.10 19.45
N GLY A 4 44.29 15.30 18.50
CA GLY A 4 43.95 15.82 17.20
C GLY A 4 42.62 15.29 16.69
N SER A 5 42.40 15.38 15.38
CA SER A 5 41.16 14.92 14.77
C SER A 5 41.29 14.82 13.26
N SER A 6 40.26 14.29 12.61
CA SER A 6 40.27 14.14 11.16
C SER A 6 38.88 13.79 10.65
N GLY A 7 38.72 13.81 9.32
CA GLY A 7 37.44 13.50 8.72
C GLY A 7 37.53 12.38 7.71
N GLN A 8 36.43 11.66 7.52
CA GLN A 8 36.39 10.56 6.57
C GLN A 8 35.00 10.42 5.96
N PRO A 9 34.95 9.98 4.69
CA PRO A 9 33.70 9.80 3.96
C PRO A 9 32.88 8.63 4.49
N THR A 10 31.59 8.85 4.71
CA THR A 10 30.70 7.81 5.22
C THR A 10 29.53 7.58 4.27
N ALA A 11 29.03 6.36 4.26
CA ALA A 11 27.90 6.01 3.40
C ALA A 11 26.74 6.97 3.60
N GLN A 12 25.77 6.92 2.70
CA GLN A 12 24.60 7.79 2.79
C GLN A 12 23.50 7.32 1.83
N GLN A 13 22.25 7.55 2.22
CA GLN A 13 21.11 7.15 1.40
C GLN A 13 20.20 8.34 1.12
N GLN A 14 19.65 8.38 -0.09
CA GLN A 14 18.75 9.47 -0.49
C GLN A 14 17.46 8.92 -1.05
N LEU A 15 16.92 7.89 -0.41
CA LEU A 15 15.67 7.27 -0.86
C LEU A 15 14.53 7.62 0.09
N THR A 16 13.67 8.54 -0.34
CA THR A 16 12.53 8.97 0.46
C THR A 16 11.25 8.26 0.03
N LYS A 17 11.07 8.12 -1.28
CA LYS A 17 9.89 7.46 -1.84
C LYS A 17 9.74 6.06 -1.25
N PRO A 18 8.51 5.53 -1.31
CA PRO A 18 8.19 4.19 -0.79
C PRO A 18 8.82 3.08 -1.64
N ALA A 19 9.66 2.26 -1.01
CA ALA A 19 10.32 1.16 -1.70
C ALA A 19 9.62 -0.16 -1.42
N LYS A 20 9.27 -0.39 -0.15
CA LYS A 20 8.60 -1.62 0.24
C LYS A 20 7.09 -1.41 0.32
N ILE A 21 6.37 -2.46 0.67
CA ILE A 21 4.91 -2.40 0.79
C ILE A 21 4.47 -2.55 2.23
N THR A 22 3.49 -1.73 2.63
CA THR A 22 2.97 -1.76 4.00
C THR A 22 1.44 -1.88 4.00
N CYS A 23 0.91 -2.63 4.94
CA CYS A 23 -0.53 -2.82 5.06
C CYS A 23 -1.26 -1.50 4.84
N ALA A 24 -2.34 -1.55 4.06
CA ALA A 24 -3.12 -0.36 3.77
C ALA A 24 -4.11 -0.07 4.90
N ASN A 25 -3.84 -0.63 6.06
CA ASN A 25 -4.70 -0.43 7.23
C ASN A 25 -3.88 -0.02 8.45
N CYS A 26 -2.97 -0.88 8.86
CA CYS A 26 -2.11 -0.61 10.01
C CYS A 26 -0.77 -0.04 9.58
N LYS A 27 -0.48 -0.15 8.28
CA LYS A 27 0.78 0.36 7.74
C LYS A 27 1.97 -0.38 8.34
N LYS A 28 1.94 -1.70 8.26
CA LYS A 28 3.02 -2.53 8.79
C LYS A 28 3.88 -3.10 7.67
N PRO A 29 5.18 -3.27 7.94
CA PRO A 29 6.13 -3.81 6.96
C PRO A 29 5.90 -5.29 6.69
N LEU A 30 5.30 -5.60 5.54
CA LEU A 30 5.03 -6.97 5.17
C LEU A 30 6.23 -7.60 4.47
N GLN A 31 6.85 -8.57 5.14
CA GLN A 31 8.01 -9.26 4.58
C GLN A 31 7.68 -9.88 3.23
N LYS A 32 8.72 -10.19 2.46
CA LYS A 32 8.54 -10.79 1.14
C LYS A 32 7.84 -12.13 1.26
N GLY A 33 8.24 -12.94 2.23
CA GLY A 33 7.63 -14.24 2.44
C GLY A 33 6.22 -14.14 2.99
N GLN A 34 6.02 -13.24 3.94
CA GLN A 34 4.71 -13.05 4.55
C GLN A 34 3.61 -13.05 3.50
N THR A 35 2.37 -13.18 3.94
CA THR A 35 1.22 -13.20 3.04
C THR A 35 0.37 -11.95 3.21
N ALA A 36 -0.16 -11.44 2.09
CA ALA A 36 -0.99 -10.26 2.11
C ALA A 36 -2.41 -10.57 1.65
N TYR A 37 -3.40 -10.04 2.36
CA TYR A 37 -4.80 -10.27 2.03
C TYR A 37 -5.30 -9.24 1.02
N GLN A 38 -5.75 -9.71 -0.12
CA GLN A 38 -6.26 -8.83 -1.17
C GLN A 38 -7.78 -8.89 -1.26
N ARG A 39 -8.40 -7.73 -1.41
CA ARG A 39 -9.86 -7.65 -1.50
C ARG A 39 -10.31 -7.66 -2.96
N LYS A 40 -11.61 -7.89 -3.17
CA LYS A 40 -12.17 -7.93 -4.51
C LYS A 40 -12.00 -6.59 -5.21
N GLY A 41 -11.81 -6.62 -6.52
CA GLY A 41 -11.64 -5.41 -7.29
C GLY A 41 -10.89 -4.33 -6.51
N SER A 42 -9.77 -4.71 -5.92
CA SER A 42 -8.97 -3.78 -5.14
C SER A 42 -7.48 -4.06 -5.33
N ALA A 43 -6.66 -3.03 -5.10
CA ALA A 43 -5.21 -3.16 -5.23
C ALA A 43 -4.53 -3.15 -3.88
N HIS A 44 -4.82 -2.12 -3.08
CA HIS A 44 -4.22 -1.99 -1.76
C HIS A 44 -4.16 -3.34 -1.06
N LEU A 45 -2.96 -3.72 -0.62
CA LEU A 45 -2.77 -4.99 0.07
C LEU A 45 -2.97 -4.84 1.58
N PHE A 46 -3.01 -5.95 2.29
CA PHE A 46 -3.20 -5.94 3.73
C PHE A 46 -2.35 -7.02 4.40
N CYS A 47 -2.08 -6.83 5.69
CA CYS A 47 -1.27 -7.78 6.45
C CYS A 47 -2.10 -9.02 6.81
N SER A 48 -3.38 -8.80 7.09
CA SER A 48 -4.28 -9.90 7.45
C SER A 48 -5.73 -9.51 7.21
N THR A 49 -6.58 -10.51 7.05
CA THR A 49 -8.00 -10.28 6.82
C THR A 49 -8.57 -9.27 7.80
N THR A 50 -8.04 -9.28 9.02
CA THR A 50 -8.49 -8.35 10.06
C THR A 50 -8.45 -6.91 9.57
N CYS A 51 -7.48 -6.61 8.71
CA CYS A 51 -7.34 -5.26 8.16
C CYS A 51 -8.08 -5.13 6.84
N LEU A 52 -7.79 -6.03 5.90
CA LEU A 52 -8.43 -6.01 4.59
C LEU A 52 -9.91 -5.68 4.72
N SER A 53 -10.55 -6.23 5.75
CA SER A 53 -11.98 -5.99 5.98
C SER A 53 -12.19 -4.71 6.79
N SER A 54 -11.45 -4.59 7.89
CA SER A 54 -11.56 -3.42 8.76
C SER A 54 -11.54 -2.14 7.94
N PHE A 55 -10.61 -2.06 7.00
CA PHE A 55 -10.48 -0.89 6.14
C PHE A 55 -11.85 -0.41 5.65
N SER A 56 -12.62 -1.34 5.11
CA SER A 56 -13.96 -1.02 4.60
C SER A 56 -14.64 0.01 5.48
N SER A 57 -14.52 -0.17 6.80
CA SER A 57 -15.14 0.75 7.75
C SER A 57 -14.61 0.49 9.16
N GLY A 58 -14.50 1.55 9.95
CA GLY A 58 -14.01 1.42 11.31
C GLY A 58 -14.69 2.39 12.26
N PRO A 59 -14.70 2.04 13.56
CA PRO A 59 -15.32 2.87 14.60
C PRO A 59 -14.53 4.15 14.85
N SER A 60 -13.22 4.04 14.84
CA SER A 60 -12.35 5.20 15.08
C SER A 60 -11.28 5.31 13.99
N SER A 61 -11.68 5.07 12.74
CA SER A 61 -10.76 5.14 11.62
C SER A 61 -10.25 6.57 11.42
N GLY A 62 -11.16 7.52 11.48
CA GLY A 62 -10.79 8.92 11.30
C GLY A 62 -9.62 9.32 12.18
ZN ZN B . -2.74 -4.63 8.80
N GLY A 1 30.37 50.68 23.21
CA GLY A 1 30.05 50.20 21.88
C GLY A 1 29.82 48.71 21.83
N SER A 2 29.22 48.24 20.74
CA SER A 2 28.94 46.82 20.58
C SER A 2 28.61 46.49 19.12
N SER A 3 29.12 45.35 18.65
CA SER A 3 28.89 44.93 17.28
C SER A 3 29.18 43.44 17.11
N GLY A 4 28.81 42.89 15.96
CA GLY A 4 29.04 41.49 15.70
C GLY A 4 28.45 41.04 14.38
N SER A 5 28.84 39.85 13.92
CA SER A 5 28.36 39.31 12.66
C SER A 5 28.81 37.87 12.48
N SER A 6 27.92 37.04 11.93
CA SER A 6 28.23 35.64 11.70
C SER A 6 27.38 35.07 10.57
N GLY A 7 27.82 33.94 10.01
CA GLY A 7 27.09 33.32 8.92
C GLY A 7 27.84 32.15 8.31
N GLN A 8 27.18 30.99 8.25
CA GLN A 8 27.80 29.81 7.68
C GLN A 8 26.75 28.90 7.03
N PRO A 9 27.08 28.38 5.85
CA PRO A 9 26.17 27.48 5.11
C PRO A 9 26.01 26.13 5.78
N THR A 10 24.79 25.85 6.25
CA THR A 10 24.50 24.59 6.92
C THR A 10 23.09 24.11 6.60
N ALA A 11 22.99 23.01 5.86
CA ALA A 11 21.70 22.45 5.50
C ALA A 11 21.81 20.95 5.19
N GLN A 12 20.67 20.31 5.01
CA GLN A 12 20.64 18.88 4.72
C GLN A 12 19.69 18.58 3.57
N GLN A 13 19.92 17.44 2.91
CA GLN A 13 19.09 17.04 1.78
C GLN A 13 19.09 15.52 1.62
N GLN A 14 17.90 14.92 1.63
CA GLN A 14 17.76 13.49 1.49
C GLN A 14 16.49 13.13 0.72
N LEU A 15 16.39 11.88 0.30
CA LEU A 15 15.22 11.40 -0.45
C LEU A 15 14.47 10.34 0.34
N THR A 16 13.16 10.55 0.50
CA THR A 16 12.33 9.62 1.23
C THR A 16 11.13 9.16 0.38
N LYS A 17 11.14 7.89 0.00
CA LYS A 17 10.06 7.33 -0.81
C LYS A 17 9.78 5.88 -0.42
N PRO A 18 8.54 5.44 -0.64
CA PRO A 18 8.11 4.07 -0.32
C PRO A 18 8.75 3.04 -1.24
N ALA A 19 9.60 2.19 -0.67
CA ALA A 19 10.28 1.15 -1.46
C ALA A 19 9.59 -0.20 -1.27
N LYS A 20 9.29 -0.54 -0.02
CA LYS A 20 8.64 -1.80 0.29
C LYS A 20 7.12 -1.64 0.33
N ILE A 21 6.42 -2.74 0.58
CA ILE A 21 4.96 -2.71 0.64
C ILE A 21 4.47 -2.73 2.08
N THR A 22 3.42 -1.98 2.36
CA THR A 22 2.85 -1.92 3.71
C THR A 22 1.36 -2.19 3.68
N CYS A 23 0.80 -2.51 4.85
CA CYS A 23 -0.63 -2.79 4.96
C CYS A 23 -1.46 -1.53 4.74
N ALA A 24 -2.55 -1.67 3.99
CA ALA A 24 -3.42 -0.54 3.71
C ALA A 24 -4.40 -0.29 4.87
N ASN A 25 -4.04 -0.79 6.05
CA ASN A 25 -4.87 -0.60 7.23
C ASN A 25 -4.03 -0.13 8.41
N CYS A 26 -3.04 -0.92 8.79
CA CYS A 26 -2.17 -0.59 9.91
C CYS A 26 -0.87 0.07 9.42
N LYS A 27 -0.63 -0.04 8.11
CA LYS A 27 0.57 0.54 7.51
C LYS A 27 1.82 -0.11 8.08
N LYS A 28 1.85 -1.43 8.12
CA LYS A 28 3.00 -2.17 8.64
C LYS A 28 3.84 -2.73 7.50
N PRO A 29 5.17 -2.76 7.71
CA PRO A 29 6.12 -3.27 6.72
C PRO A 29 6.01 -4.78 6.54
N LEU A 30 5.32 -5.21 5.48
CA LEU A 30 5.14 -6.63 5.19
C LEU A 30 6.39 -7.20 4.52
N GLN A 31 6.64 -8.48 4.78
CA GLN A 31 7.80 -9.16 4.20
C GLN A 31 7.37 -10.15 3.13
N LYS A 32 8.19 -10.30 2.09
CA LYS A 32 7.90 -11.23 1.01
C LYS A 32 7.39 -12.56 1.55
N GLY A 33 8.08 -13.08 2.57
CA GLY A 33 7.68 -14.35 3.16
C GLY A 33 6.26 -14.31 3.68
N GLN A 34 5.92 -13.26 4.42
CA GLN A 34 4.59 -13.13 4.98
C GLN A 34 3.53 -13.11 3.89
N THR A 35 2.29 -13.39 4.28
CA THR A 35 1.18 -13.41 3.31
C THR A 35 0.40 -12.12 3.35
N ALA A 36 -0.09 -11.69 2.20
CA ALA A 36 -0.87 -10.46 2.09
C ALA A 36 -2.19 -10.70 1.39
N TYR A 37 -3.19 -9.87 1.71
CA TYR A 37 -4.51 -10.00 1.11
C TYR A 37 -4.75 -8.90 0.08
N GLN A 38 -5.38 -9.26 -1.03
CA GLN A 38 -5.66 -8.30 -2.09
C GLN A 38 -7.17 -8.18 -2.32
N ARG A 39 -7.61 -6.99 -2.68
CA ARG A 39 -9.03 -6.75 -2.93
C ARG A 39 -9.29 -6.50 -4.42
N LYS A 40 -10.25 -7.23 -4.96
CA LYS A 40 -10.59 -7.11 -6.38
C LYS A 40 -10.69 -5.64 -6.77
N GLY A 41 -10.27 -5.33 -8.00
CA GLY A 41 -10.32 -3.97 -8.49
C GLY A 41 -9.75 -2.98 -7.49
N SER A 42 -8.54 -3.25 -7.01
CA SER A 42 -7.89 -2.38 -6.03
C SER A 42 -6.41 -2.73 -5.89
N ALA A 43 -5.57 -1.70 -5.82
CA ALA A 43 -4.13 -1.90 -5.69
C ALA A 43 -3.68 -1.69 -4.25
N HIS A 44 -4.47 -2.20 -3.30
CA HIS A 44 -4.16 -2.07 -1.89
C HIS A 44 -4.15 -3.43 -1.20
N LEU A 45 -2.99 -3.83 -0.69
CA LEU A 45 -2.85 -5.10 -0.01
C LEU A 45 -3.04 -4.95 1.50
N PHE A 46 -3.12 -6.07 2.20
CA PHE A 46 -3.30 -6.06 3.64
C PHE A 46 -2.43 -7.12 4.31
N CYS A 47 -2.11 -6.89 5.58
CA CYS A 47 -1.27 -7.81 6.33
C CYS A 47 -2.06 -9.06 6.74
N SER A 48 -3.31 -8.85 7.15
CA SER A 48 -4.17 -9.95 7.56
C SER A 48 -5.64 -9.59 7.38
N THR A 49 -6.51 -10.59 7.49
CA THR A 49 -7.95 -10.38 7.34
C THR A 49 -8.44 -9.29 8.28
N THR A 50 -8.05 -9.39 9.55
CA THR A 50 -8.45 -8.42 10.57
C THR A 50 -8.41 -7.00 10.00
N CYS A 51 -7.43 -6.74 9.15
CA CYS A 51 -7.28 -5.41 8.54
C CYS A 51 -8.11 -5.31 7.26
N LEU A 52 -8.05 -6.34 6.43
CA LEU A 52 -8.81 -6.36 5.19
C LEU A 52 -10.25 -5.93 5.41
N SER A 53 -10.84 -6.42 6.50
CA SER A 53 -12.23 -6.10 6.82
C SER A 53 -12.31 -4.76 7.58
N SER A 54 -11.45 -4.61 8.58
CA SER A 54 -11.43 -3.39 9.38
C SER A 54 -11.40 -2.15 8.48
N PHE A 55 -10.55 -2.19 7.46
CA PHE A 55 -10.43 -1.07 6.54
C PHE A 55 -11.80 -0.55 6.14
N SER A 56 -12.64 -1.45 5.62
CA SER A 56 -13.98 -1.07 5.19
C SER A 56 -15.02 -2.08 5.69
N SER A 57 -15.93 -1.61 6.54
CA SER A 57 -16.97 -2.47 7.09
C SER A 57 -18.36 -1.89 6.82
N GLY A 58 -19.32 -2.77 6.57
CA GLY A 58 -20.68 -2.33 6.30
C GLY A 58 -21.24 -2.92 5.02
N PRO A 59 -20.62 -2.56 3.88
CA PRO A 59 -21.05 -3.05 2.56
C PRO A 59 -20.76 -4.54 2.37
N SER A 60 -21.77 -5.37 2.56
CA SER A 60 -21.62 -6.81 2.40
C SER A 60 -21.64 -7.21 0.93
N SER A 61 -21.18 -8.42 0.65
CA SER A 61 -21.14 -8.93 -0.72
C SER A 61 -22.44 -9.64 -1.08
N GLY A 62 -22.84 -9.54 -2.34
CA GLY A 62 -24.05 -10.20 -2.79
C GLY A 62 -23.96 -11.70 -2.75
ZN ZN B . -2.64 -4.66 8.80
N GLY A 1 -33.14 8.95 -13.13
CA GLY A 1 -32.00 9.81 -13.35
C GLY A 1 -30.70 9.19 -12.85
N SER A 2 -29.58 9.71 -13.34
CA SER A 2 -28.27 9.20 -12.95
C SER A 2 -27.27 10.35 -12.79
N SER A 3 -26.13 10.04 -12.19
CA SER A 3 -25.08 11.04 -11.97
C SER A 3 -23.80 10.38 -11.46
N GLY A 4 -22.74 11.17 -11.36
CA GLY A 4 -21.47 10.66 -10.90
C GLY A 4 -20.35 11.66 -11.02
N SER A 5 -19.35 11.56 -10.15
CA SER A 5 -18.22 12.48 -10.16
C SER A 5 -17.07 11.92 -9.32
N SER A 6 -15.92 12.58 -9.40
CA SER A 6 -14.74 12.16 -8.65
C SER A 6 -13.75 13.31 -8.51
N GLY A 7 -12.89 13.22 -7.50
CA GLY A 7 -11.90 14.26 -7.27
C GLY A 7 -10.81 13.82 -6.31
N GLN A 8 -9.95 14.76 -5.93
CA GLN A 8 -8.86 14.46 -5.02
C GLN A 8 -8.56 15.64 -4.10
N PRO A 9 -8.21 15.35 -2.84
CA PRO A 9 -7.90 16.38 -1.84
C PRO A 9 -6.59 17.11 -2.15
N THR A 10 -6.20 18.02 -1.26
CA THR A 10 -4.98 18.79 -1.44
C THR A 10 -3.95 18.44 -0.37
N ALA A 11 -3.23 17.34 -0.59
CA ALA A 11 -2.21 16.90 0.35
C ALA A 11 -1.30 15.84 -0.28
N GLN A 12 0.00 16.05 -0.17
CA GLN A 12 0.97 15.12 -0.73
C GLN A 12 2.40 15.52 -0.34
N GLN A 13 3.18 14.53 0.10
CA GLN A 13 4.55 14.78 0.51
C GLN A 13 5.53 14.29 -0.56
N GLN A 14 6.66 15.00 -0.68
CA GLN A 14 7.67 14.64 -1.67
C GLN A 14 9.05 14.57 -1.02
N LEU A 15 9.11 13.98 0.17
CA LEU A 15 10.37 13.85 0.90
C LEU A 15 11.05 12.52 0.57
N THR A 16 10.31 11.43 0.76
CA THR A 16 10.84 10.10 0.49
C THR A 16 9.80 9.22 -0.21
N LYS A 17 10.15 8.70 -1.38
CA LYS A 17 9.25 7.85 -2.14
C LYS A 17 9.17 6.45 -1.52
N PRO A 18 7.97 5.85 -1.57
CA PRO A 18 7.73 4.51 -1.02
C PRO A 18 8.42 3.43 -1.85
N ALA A 19 9.26 2.65 -1.18
CA ALA A 19 9.99 1.57 -1.85
C ALA A 19 9.33 0.22 -1.57
N LYS A 20 9.25 -0.14 -0.29
CA LYS A 20 8.64 -1.41 0.11
C LYS A 20 7.13 -1.28 0.19
N ILE A 21 6.46 -2.37 0.54
CA ILE A 21 5.01 -2.39 0.66
C ILE A 21 4.58 -2.53 2.12
N THR A 22 3.53 -1.79 2.50
CA THR A 22 3.02 -1.83 3.85
C THR A 22 1.49 -1.95 3.87
N CYS A 23 0.98 -2.70 4.83
CA CYS A 23 -0.46 -2.89 4.96
C CYS A 23 -1.21 -1.57 4.76
N ALA A 24 -2.30 -1.62 4.00
CA ALA A 24 -3.10 -0.44 3.73
C ALA A 24 -4.08 -0.17 4.88
N ASN A 25 -3.78 -0.73 6.05
CA ASN A 25 -4.63 -0.55 7.22
C ASN A 25 -3.80 -0.15 8.44
N CYS A 26 -2.88 -1.02 8.84
CA CYS A 26 -2.02 -0.76 9.99
C CYS A 26 -0.72 -0.11 9.55
N LYS A 27 -0.41 -0.21 8.26
CA LYS A 27 0.81 0.37 7.71
C LYS A 27 2.05 -0.32 8.28
N LYS A 28 2.04 -1.65 8.25
CA LYS A 28 3.16 -2.43 8.76
C LYS A 28 4.03 -2.93 7.60
N PRO A 29 5.35 -3.04 7.88
CA PRO A 29 6.32 -3.50 6.87
C PRO A 29 6.15 -4.98 6.55
N LEU A 30 5.45 -5.27 5.48
CA LEU A 30 5.21 -6.66 5.06
C LEU A 30 6.47 -7.27 4.47
N GLN A 31 6.84 -8.44 4.96
CA GLN A 31 8.04 -9.13 4.47
C GLN A 31 7.70 -10.04 3.30
N LYS A 32 8.74 -10.59 2.66
CA LYS A 32 8.55 -11.48 1.52
C LYS A 32 7.73 -12.70 1.92
N GLY A 33 8.15 -13.37 2.99
CA GLY A 33 7.43 -14.54 3.46
C GLY A 33 6.00 -14.25 3.84
N GLN A 34 5.81 -13.17 4.59
CA GLN A 34 4.48 -12.77 5.03
C GLN A 34 3.50 -12.76 3.86
N THR A 35 2.25 -13.12 4.14
CA THR A 35 1.22 -13.15 3.10
C THR A 35 0.53 -11.79 2.96
N ALA A 36 -0.29 -11.65 1.93
CA ALA A 36 -1.00 -10.40 1.68
C ALA A 36 -2.43 -10.66 1.21
N TYR A 37 -3.34 -9.79 1.60
CA TYR A 37 -4.74 -9.93 1.22
C TYR A 37 -5.20 -8.76 0.37
N GLN A 38 -5.89 -9.06 -0.73
CA GLN A 38 -6.39 -8.03 -1.63
C GLN A 38 -7.79 -8.35 -2.11
N ARG A 39 -8.60 -7.32 -2.30
CA ARG A 39 -9.97 -7.49 -2.75
C ARG A 39 -10.09 -7.23 -4.25
N LYS A 40 -11.29 -7.46 -4.80
CA LYS A 40 -11.53 -7.25 -6.22
C LYS A 40 -11.80 -5.77 -6.51
N GLY A 41 -11.25 -5.28 -7.62
CA GLY A 41 -11.45 -3.89 -8.00
C GLY A 41 -10.80 -2.94 -7.02
N SER A 42 -9.59 -3.28 -6.57
CA SER A 42 -8.86 -2.45 -5.61
C SER A 42 -7.37 -2.70 -5.71
N ALA A 43 -6.58 -1.65 -5.54
CA ALA A 43 -5.13 -1.75 -5.60
C ALA A 43 -4.50 -1.55 -4.23
N HIS A 44 -5.12 -2.13 -3.20
CA HIS A 44 -4.62 -2.01 -1.84
C HIS A 44 -4.38 -3.38 -1.22
N LEU A 45 -3.22 -3.56 -0.61
CA LEU A 45 -2.88 -4.83 0.01
C LEU A 45 -3.08 -4.76 1.52
N PHE A 46 -3.07 -5.93 2.17
CA PHE A 46 -3.26 -6.00 3.61
C PHE A 46 -2.38 -7.08 4.23
N CYS A 47 -2.04 -6.92 5.50
CA CYS A 47 -1.19 -7.89 6.20
C CYS A 47 -2.00 -9.13 6.59
N SER A 48 -3.23 -8.90 7.04
CA SER A 48 -4.10 -10.00 7.45
C SER A 48 -5.56 -9.65 7.22
N THR A 49 -6.45 -10.56 7.59
CA THR A 49 -7.89 -10.35 7.43
C THR A 49 -8.38 -9.20 8.31
N THR A 50 -8.04 -9.27 9.60
CA THR A 50 -8.46 -8.24 10.55
C THR A 50 -8.42 -6.85 9.91
N CYS A 51 -7.43 -6.62 9.05
CA CYS A 51 -7.28 -5.35 8.37
C CYS A 51 -8.09 -5.32 7.08
N LEU A 52 -7.97 -6.38 6.29
CA LEU A 52 -8.68 -6.48 5.03
C LEU A 52 -10.13 -6.04 5.18
N SER A 53 -10.80 -6.56 6.20
CA SER A 53 -12.20 -6.21 6.46
C SER A 53 -12.30 -4.86 7.17
N SER A 54 -11.53 -4.70 8.24
CA SER A 54 -11.54 -3.47 9.01
C SER A 54 -11.53 -2.25 8.09
N PHE A 55 -10.61 -2.25 7.13
CA PHE A 55 -10.49 -1.15 6.18
C PHE A 55 -11.86 -0.73 5.67
N SER A 56 -12.74 -1.71 5.45
CA SER A 56 -14.08 -1.44 4.96
C SER A 56 -14.94 -0.81 6.04
N SER A 57 -14.95 0.51 6.08
CA SER A 57 -15.73 1.25 7.08
C SER A 57 -15.74 0.52 8.41
N GLY A 58 -14.55 0.08 8.85
CA GLY A 58 -14.44 -0.63 10.11
C GLY A 58 -14.18 0.30 11.28
N PRO A 59 -15.06 0.26 12.28
CA PRO A 59 -14.96 1.10 13.48
C PRO A 59 -13.79 0.69 14.36
N SER A 60 -13.07 -0.36 13.96
CA SER A 60 -11.93 -0.86 14.72
C SER A 60 -11.15 0.30 15.32
N SER A 61 -10.93 0.24 16.63
CA SER A 61 -10.18 1.27 17.33
C SER A 61 -8.71 1.26 16.93
N GLY A 62 -8.00 2.33 17.29
CA GLY A 62 -6.58 2.41 16.96
C GLY A 62 -6.22 3.74 16.33
ZN ZN B . -2.63 -4.75 8.69
N GLY A 1 -1.06 46.38 -33.62
CA GLY A 1 -0.03 45.98 -32.69
C GLY A 1 -0.21 44.57 -32.17
N SER A 2 0.87 43.80 -32.16
CA SER A 2 0.82 42.42 -31.69
C SER A 2 2.23 41.88 -31.46
N SER A 3 2.44 41.26 -30.30
CA SER A 3 3.74 40.70 -29.96
C SER A 3 3.63 39.79 -28.74
N GLY A 4 4.65 38.96 -28.53
CA GLY A 4 4.65 38.05 -27.41
C GLY A 4 6.05 37.72 -26.93
N SER A 5 6.15 37.23 -25.70
CA SER A 5 7.44 36.87 -25.12
C SER A 5 7.27 35.95 -23.91
N SER A 6 8.22 35.04 -23.74
CA SER A 6 8.17 34.08 -22.64
C SER A 6 9.46 34.13 -21.82
N GLY A 7 9.42 33.53 -20.63
CA GLY A 7 10.58 33.52 -19.77
C GLY A 7 11.28 32.18 -19.75
N GLN A 8 11.65 31.72 -18.57
CA GLN A 8 12.33 30.44 -18.42
C GLN A 8 11.68 29.59 -17.32
N PRO A 9 11.76 28.26 -17.47
CA PRO A 9 11.18 27.33 -16.50
C PRO A 9 11.94 27.32 -15.17
N THR A 10 11.55 26.41 -14.29
CA THR A 10 12.20 26.31 -12.98
C THR A 10 12.68 24.88 -12.72
N ALA A 11 13.56 24.73 -11.73
CA ALA A 11 14.09 23.43 -11.38
C ALA A 11 13.29 22.79 -10.24
N GLN A 12 13.56 21.52 -9.97
CA GLN A 12 12.87 20.80 -8.91
C GLN A 12 13.75 19.70 -8.33
N GLN A 13 13.34 19.15 -7.19
CA GLN A 13 14.10 18.10 -6.53
C GLN A 13 13.20 16.92 -6.18
N GLN A 14 13.81 15.82 -5.73
CA GLN A 14 13.06 14.63 -5.37
C GLN A 14 13.50 14.11 -4.00
N LEU A 15 12.60 13.41 -3.33
CA LEU A 15 12.89 12.86 -2.01
C LEU A 15 12.80 11.34 -2.03
N THR A 16 13.36 10.71 -0.99
CA THR A 16 13.34 9.25 -0.89
C THR A 16 11.94 8.71 -1.11
N LYS A 17 11.68 8.24 -2.32
CA LYS A 17 10.37 7.69 -2.66
C LYS A 17 10.15 6.35 -1.96
N PRO A 18 8.94 6.17 -1.38
CA PRO A 18 8.58 4.94 -0.68
C PRO A 18 8.43 3.75 -1.61
N ALA A 19 9.43 2.87 -1.62
CA ALA A 19 9.40 1.69 -2.47
C ALA A 19 8.84 0.48 -1.73
N LYS A 20 9.34 0.28 -0.51
CA LYS A 20 8.88 -0.84 0.31
C LYS A 20 7.37 -0.96 0.29
N ILE A 21 6.85 -2.06 0.85
CA ILE A 21 5.41 -2.29 0.88
C ILE A 21 4.91 -2.37 2.32
N THR A 22 3.74 -1.79 2.56
CA THR A 22 3.14 -1.80 3.89
C THR A 22 1.64 -2.02 3.82
N CYS A 23 1.06 -2.45 4.94
CA CYS A 23 -0.37 -2.71 5.00
C CYS A 23 -1.16 -1.42 4.78
N ALA A 24 -2.24 -1.53 4.01
CA ALA A 24 -3.09 -0.38 3.72
C ALA A 24 -4.07 -0.12 4.86
N ASN A 25 -3.73 -0.61 6.05
CA ASN A 25 -4.59 -0.43 7.21
C ASN A 25 -3.77 0.00 8.43
N CYS A 26 -2.86 -0.87 8.84
CA CYS A 26 -2.00 -0.58 9.99
C CYS A 26 -0.66 0.01 9.55
N LYS A 27 -0.37 -0.11 8.25
CA LYS A 27 0.87 0.41 7.70
C LYS A 27 2.08 -0.31 8.29
N LYS A 28 2.05 -1.63 8.25
CA LYS A 28 3.13 -2.45 8.79
C LYS A 28 4.00 -3.01 7.66
N PRO A 29 5.32 -3.05 7.89
CA PRO A 29 6.27 -3.56 6.90
C PRO A 29 6.17 -5.08 6.73
N LEU A 30 5.46 -5.50 5.68
CA LEU A 30 5.28 -6.92 5.40
C LEU A 30 6.57 -7.53 4.84
N GLN A 31 7.12 -8.49 5.57
CA GLN A 31 8.36 -9.15 5.14
C GLN A 31 8.09 -10.05 3.94
N LYS A 32 9.11 -10.24 3.11
CA LYS A 32 8.98 -11.10 1.93
C LYS A 32 8.40 -12.45 2.30
N GLY A 33 7.36 -12.85 1.58
CA GLY A 33 6.72 -14.13 1.84
C GLY A 33 5.45 -13.99 2.64
N GLN A 34 5.50 -13.15 3.69
CA GLN A 34 4.35 -12.93 4.54
C GLN A 34 3.07 -12.77 3.72
N THR A 35 2.18 -13.76 3.79
CA THR A 35 0.93 -13.72 3.05
C THR A 35 0.32 -12.33 3.06
N ALA A 36 -0.55 -12.06 2.10
CA ALA A 36 -1.21 -10.76 2.02
C ALA A 36 -2.67 -10.91 1.60
N TYR A 37 -3.54 -10.09 2.18
CA TYR A 37 -4.96 -10.14 1.88
C TYR A 37 -5.37 -8.98 0.97
N GLN A 38 -6.23 -9.26 0.00
CA GLN A 38 -6.69 -8.24 -0.92
C GLN A 38 -8.13 -8.51 -1.35
N ARG A 39 -8.80 -7.47 -1.84
CA ARG A 39 -10.19 -7.59 -2.27
C ARG A 39 -10.31 -7.29 -3.77
N LYS A 40 -11.52 -7.44 -4.30
CA LYS A 40 -11.77 -7.17 -5.72
C LYS A 40 -11.88 -5.68 -5.98
N GLY A 41 -11.39 -5.25 -7.15
CA GLY A 41 -11.45 -3.84 -7.50
C GLY A 41 -11.14 -2.93 -6.32
N SER A 42 -9.95 -3.08 -5.75
CA SER A 42 -9.55 -2.27 -4.61
C SER A 42 -8.17 -1.66 -4.85
N ALA A 43 -7.24 -2.48 -5.34
CA ALA A 43 -5.88 -2.02 -5.60
C ALA A 43 -5.15 -1.67 -4.31
N HIS A 44 -5.33 -2.51 -3.29
CA HIS A 44 -4.69 -2.29 -1.99
C HIS A 44 -4.44 -3.61 -1.28
N LEU A 45 -3.24 -3.77 -0.74
CA LEU A 45 -2.88 -4.99 -0.02
C LEU A 45 -3.01 -4.80 1.49
N PHE A 46 -3.04 -5.91 2.22
CA PHE A 46 -3.15 -5.85 3.67
C PHE A 46 -2.28 -6.93 4.32
N CYS A 47 -1.99 -6.76 5.61
CA CYS A 47 -1.18 -7.71 6.34
C CYS A 47 -1.97 -8.97 6.68
N SER A 48 -3.22 -8.78 7.09
CA SER A 48 -4.09 -9.91 7.44
C SER A 48 -5.53 -9.61 7.08
N THR A 49 -6.42 -10.55 7.39
CA THR A 49 -7.83 -10.39 7.10
C THR A 49 -8.47 -9.33 7.98
N THR A 50 -7.96 -9.22 9.22
CA THR A 50 -8.48 -8.24 10.16
C THR A 50 -8.43 -6.83 9.59
N CYS A 51 -7.38 -6.55 8.82
CA CYS A 51 -7.21 -5.24 8.20
C CYS A 51 -7.95 -5.17 6.88
N LEU A 52 -7.89 -6.23 6.10
CA LEU A 52 -8.56 -6.29 4.81
C LEU A 52 -10.04 -5.98 4.95
N SER A 53 -10.68 -6.58 5.94
CA SER A 53 -12.10 -6.36 6.19
C SER A 53 -12.33 -5.03 6.90
N SER A 54 -11.53 -4.77 7.93
CA SER A 54 -11.65 -3.53 8.69
C SER A 54 -11.59 -2.31 7.78
N PHE A 55 -10.56 -2.26 6.94
CA PHE A 55 -10.40 -1.15 6.00
C PHE A 55 -11.73 -0.79 5.34
N SER A 56 -12.36 -1.79 4.73
CA SER A 56 -13.63 -1.58 4.05
C SER A 56 -14.47 -0.54 4.78
N SER A 57 -14.63 -0.72 6.08
CA SER A 57 -15.41 0.20 6.91
C SER A 57 -14.51 1.21 7.59
N GLY A 58 -14.13 2.26 6.86
CA GLY A 58 -13.27 3.29 7.43
C GLY A 58 -13.74 4.68 7.08
N PRO A 59 -13.32 5.67 7.89
CA PRO A 59 -13.70 7.08 7.70
C PRO A 59 -13.04 7.67 6.47
N SER A 60 -13.84 8.03 5.48
CA SER A 60 -13.33 8.62 4.24
C SER A 60 -13.94 10.00 4.00
N SER A 61 -13.24 10.83 3.24
CA SER A 61 -13.71 12.18 2.94
C SER A 61 -13.06 12.70 1.66
N GLY A 62 -13.54 13.86 1.20
CA GLY A 62 -13.00 14.45 -0.01
C GLY A 62 -13.30 15.93 -0.12
ZN ZN B . -2.59 -4.55 8.74
N GLY A 1 22.32 -33.96 -0.53
CA GLY A 1 21.02 -33.33 -0.63
C GLY A 1 21.02 -32.15 -1.59
N SER A 2 19.82 -31.63 -1.88
CA SER A 2 19.68 -30.50 -2.78
C SER A 2 18.25 -29.97 -2.78
N SER A 3 18.11 -28.66 -2.87
CA SER A 3 16.79 -28.02 -2.88
C SER A 3 16.49 -27.42 -4.24
N GLY A 4 15.27 -26.90 -4.39
CA GLY A 4 14.87 -26.30 -5.65
C GLY A 4 13.69 -25.37 -5.49
N SER A 5 13.72 -24.25 -6.20
CA SER A 5 12.64 -23.27 -6.14
C SER A 5 12.83 -22.18 -7.19
N SER A 6 11.85 -22.05 -8.08
CA SER A 6 11.90 -21.05 -9.14
C SER A 6 10.49 -20.63 -9.57
N GLY A 7 10.39 -19.45 -10.16
CA GLY A 7 9.10 -18.95 -10.61
C GLY A 7 8.97 -17.46 -10.45
N GLN A 8 8.20 -16.83 -11.34
CA GLN A 8 7.99 -15.39 -11.30
C GLN A 8 6.86 -14.97 -12.23
N PRO A 9 6.07 -13.98 -11.79
CA PRO A 9 4.94 -13.47 -12.57
C PRO A 9 5.38 -12.70 -13.80
N THR A 10 4.42 -12.09 -14.50
CA THR A 10 4.71 -11.32 -15.70
C THR A 10 4.24 -9.89 -15.57
N ALA A 11 5.04 -8.95 -16.06
CA ALA A 11 4.69 -7.54 -16.00
C ALA A 11 4.29 -7.01 -17.36
N GLN A 12 3.04 -6.56 -17.49
CA GLN A 12 2.53 -6.04 -18.75
C GLN A 12 2.91 -4.56 -18.91
N GLN A 13 2.71 -3.80 -17.84
CA GLN A 13 3.02 -2.37 -17.86
C GLN A 13 4.18 -2.05 -16.94
N GLN A 14 4.62 -0.79 -16.95
CA GLN A 14 5.72 -0.36 -16.11
C GLN A 14 5.59 1.11 -15.74
N LEU A 15 5.28 1.37 -14.47
CA LEU A 15 5.11 2.73 -13.98
C LEU A 15 5.62 2.87 -12.55
N THR A 16 5.58 4.09 -12.03
CA THR A 16 6.03 4.36 -10.67
C THR A 16 5.74 3.18 -9.75
N LYS A 17 6.78 2.61 -9.17
CA LYS A 17 6.63 1.47 -8.27
C LYS A 17 7.18 1.79 -6.88
N PRO A 18 6.48 1.33 -5.84
CA PRO A 18 6.89 1.56 -4.45
C PRO A 18 8.14 0.79 -4.08
N ALA A 19 8.86 1.29 -3.07
CA ALA A 19 10.08 0.65 -2.62
C ALA A 19 9.78 -0.50 -1.67
N LYS A 20 9.11 -0.21 -0.57
CA LYS A 20 8.76 -1.22 0.42
C LYS A 20 7.26 -1.53 0.37
N ILE A 21 6.86 -2.56 1.10
CA ILE A 21 5.45 -2.96 1.14
C ILE A 21 4.92 -2.97 2.58
N THR A 22 3.74 -2.40 2.77
CA THR A 22 3.12 -2.35 4.08
C THR A 22 1.60 -2.49 3.98
N CYS A 23 0.96 -2.75 5.12
CA CYS A 23 -0.48 -2.92 5.17
C CYS A 23 -1.18 -1.58 4.91
N ALA A 24 -2.25 -1.64 4.12
CA ALA A 24 -3.01 -0.43 3.78
C ALA A 24 -4.02 -0.10 4.89
N ASN A 25 -3.75 -0.61 6.09
CA ASN A 25 -4.63 -0.37 7.23
C ASN A 25 -3.84 0.03 8.46
N CYS A 26 -2.94 -0.85 8.89
CA CYS A 26 -2.11 -0.59 10.06
C CYS A 26 -0.76 -0.02 9.65
N LYS A 27 -0.42 -0.15 8.37
CA LYS A 27 0.84 0.35 7.85
C LYS A 27 2.02 -0.39 8.47
N LYS A 28 1.92 -1.72 8.52
CA LYS A 28 2.98 -2.55 9.08
C LYS A 28 3.93 -3.04 8.00
N PRO A 29 5.21 -3.17 8.35
CA PRO A 29 6.24 -3.65 7.41
C PRO A 29 6.07 -5.13 7.07
N LEU A 30 5.44 -5.40 5.94
CA LEU A 30 5.22 -6.77 5.49
C LEU A 30 6.45 -7.31 4.78
N GLN A 31 7.09 -8.30 5.39
CA GLN A 31 8.27 -8.91 4.82
C GLN A 31 8.04 -9.30 3.35
N LYS A 32 9.13 -9.56 2.63
CA LYS A 32 9.04 -9.93 1.23
C LYS A 32 8.81 -11.43 1.07
N GLY A 33 7.54 -11.84 1.17
CA GLY A 33 7.20 -13.24 1.04
C GLY A 33 5.96 -13.61 1.82
N GLN A 34 5.82 -13.04 3.02
CA GLN A 34 4.67 -13.32 3.86
C GLN A 34 3.37 -13.17 3.08
N THR A 35 2.38 -14.00 3.41
CA THR A 35 1.08 -13.96 2.74
C THR A 35 0.31 -12.71 3.13
N ALA A 36 -0.41 -12.13 2.16
CA ALA A 36 -1.20 -10.94 2.41
C ALA A 36 -2.62 -11.10 1.87
N TYR A 37 -3.54 -10.30 2.39
CA TYR A 37 -4.93 -10.37 1.97
C TYR A 37 -5.25 -9.26 0.97
N GLN A 38 -5.82 -9.63 -0.17
CA GLN A 38 -6.17 -8.65 -1.20
C GLN A 38 -7.55 -8.95 -1.77
N ARG A 39 -8.38 -7.92 -1.86
CA ARG A 39 -9.74 -8.06 -2.38
C ARG A 39 -9.71 -8.25 -3.90
N LYS A 40 -10.90 -8.46 -4.48
CA LYS A 40 -11.01 -8.65 -5.92
C LYS A 40 -11.13 -7.31 -6.64
N GLY A 41 -12.10 -6.51 -6.21
CA GLY A 41 -12.29 -5.20 -6.83
C GLY A 41 -11.51 -4.10 -6.13
N SER A 42 -10.21 -4.32 -5.97
CA SER A 42 -9.35 -3.34 -5.31
C SER A 42 -7.87 -3.70 -5.51
N ALA A 43 -7.03 -2.66 -5.53
CA ALA A 43 -5.60 -2.86 -5.72
C ALA A 43 -4.83 -2.52 -4.45
N HIS A 44 -5.36 -2.94 -3.31
CA HIS A 44 -4.72 -2.68 -2.02
C HIS A 44 -4.44 -3.98 -1.28
N LEU A 45 -3.29 -4.06 -0.64
CA LEU A 45 -2.89 -5.25 0.11
C LEU A 45 -3.09 -5.03 1.61
N PHE A 46 -3.07 -6.12 2.37
CA PHE A 46 -3.23 -6.05 3.82
C PHE A 46 -2.40 -7.12 4.52
N CYS A 47 -2.18 -6.95 5.81
CA CYS A 47 -1.40 -7.89 6.59
C CYS A 47 -2.26 -9.07 7.04
N SER A 48 -3.49 -8.78 7.44
CA SER A 48 -4.41 -9.82 7.89
C SER A 48 -5.85 -9.44 7.57
N THR A 49 -6.68 -10.45 7.29
CA THR A 49 -8.08 -10.23 6.96
C THR A 49 -8.69 -9.18 7.88
N THR A 50 -8.25 -9.16 9.13
CA THR A 50 -8.76 -8.21 10.11
C THR A 50 -8.71 -6.79 9.56
N CYS A 51 -7.62 -6.45 8.88
CA CYS A 51 -7.45 -5.11 8.30
C CYS A 51 -8.21 -4.99 6.99
N LEU A 52 -8.04 -5.98 6.12
CA LEU A 52 -8.71 -5.98 4.82
C LEU A 52 -10.14 -5.47 4.95
N SER A 53 -10.86 -5.98 5.94
CA SER A 53 -12.25 -5.57 6.17
C SER A 53 -12.31 -4.25 6.93
N SER A 54 -11.44 -4.13 7.93
CA SER A 54 -11.39 -2.91 8.75
C SER A 54 -11.32 -1.67 7.87
N PHE A 55 -10.45 -1.71 6.86
CA PHE A 55 -10.28 -0.58 5.95
C PHE A 55 -11.63 -0.06 5.48
N SER A 56 -12.49 -0.98 5.03
CA SER A 56 -13.81 -0.61 4.54
C SER A 56 -14.91 -1.20 5.42
N SER A 57 -15.37 -0.41 6.38
CA SER A 57 -16.40 -0.85 7.31
C SER A 57 -16.94 0.33 8.12
N GLY A 58 -18.22 0.62 7.93
CA GLY A 58 -18.84 1.73 8.65
C GLY A 58 -18.04 3.01 8.55
N PRO A 59 -17.96 3.57 7.34
CA PRO A 59 -17.22 4.81 7.08
C PRO A 59 -17.90 6.02 7.70
N SER A 60 -19.21 6.10 7.55
CA SER A 60 -19.98 7.22 8.09
C SER A 60 -20.69 6.81 9.38
N SER A 61 -19.96 6.85 10.49
CA SER A 61 -20.52 6.48 11.78
C SER A 61 -21.51 5.32 11.65
N GLY A 62 -21.14 4.34 10.83
CA GLY A 62 -22.01 3.19 10.62
C GLY A 62 -21.24 1.89 10.60
ZN ZN B . -2.83 -4.62 8.88
N GLY A 1 7.72 25.85 -28.75
CA GLY A 1 6.31 25.62 -28.48
C GLY A 1 5.83 26.40 -27.27
N SER A 2 4.66 26.03 -26.76
CA SER A 2 4.09 26.71 -25.61
C SER A 2 4.21 25.84 -24.35
N SER A 3 3.94 26.43 -23.20
CA SER A 3 4.01 25.71 -21.93
C SER A 3 2.65 25.66 -21.24
N GLY A 4 2.10 26.84 -20.98
CA GLY A 4 0.80 26.93 -20.32
C GLY A 4 0.88 27.56 -18.94
N SER A 5 0.34 28.76 -18.83
CA SER A 5 0.35 29.48 -17.55
C SER A 5 -0.61 28.84 -16.56
N SER A 6 -1.83 28.55 -17.02
CA SER A 6 -2.85 27.95 -16.17
C SER A 6 -2.23 26.91 -15.24
N GLY A 7 -2.92 26.64 -14.14
CA GLY A 7 -2.43 25.66 -13.18
C GLY A 7 -3.28 25.59 -11.94
N GLN A 8 -3.12 24.51 -11.17
CA GLN A 8 -3.89 24.32 -9.94
C GLN A 8 -2.97 24.00 -8.77
N PRO A 9 -3.47 24.19 -7.55
CA PRO A 9 -2.72 23.93 -6.32
C PRO A 9 -2.47 22.44 -6.10
N THR A 10 -1.24 22.01 -6.30
CA THR A 10 -0.88 20.61 -6.12
C THR A 10 0.33 20.46 -5.20
N ALA A 11 0.38 19.35 -4.47
CA ALA A 11 1.47 19.09 -3.54
C ALA A 11 1.97 17.66 -3.68
N GLN A 12 3.17 17.50 -4.22
CA GLN A 12 3.76 16.18 -4.41
C GLN A 12 5.27 16.27 -4.57
N GLN A 13 6.00 15.56 -3.72
CA GLN A 13 7.45 15.56 -3.77
C GLN A 13 8.01 14.16 -3.50
N GLN A 14 8.97 13.74 -4.32
CA GLN A 14 9.58 12.43 -4.17
C GLN A 14 10.78 12.29 -5.10
N LEU A 15 11.93 11.95 -4.52
CA LEU A 15 13.15 11.78 -5.29
C LEU A 15 13.48 10.31 -5.48
N THR A 16 13.03 9.48 -4.55
CA THR A 16 13.27 8.04 -4.61
C THR A 16 11.97 7.26 -4.46
N LYS A 17 11.63 6.47 -5.47
CA LYS A 17 10.41 5.66 -5.44
C LYS A 17 10.43 4.69 -4.27
N PRO A 18 9.24 4.30 -3.81
CA PRO A 18 9.08 3.37 -2.69
C PRO A 18 9.51 1.94 -3.06
N ALA A 19 10.47 1.41 -2.31
CA ALA A 19 10.96 0.06 -2.56
C ALA A 19 10.51 -0.90 -1.46
N LYS A 20 9.25 -0.82 -1.10
CA LYS A 20 8.68 -1.68 -0.06
C LYS A 20 7.16 -1.64 -0.08
N ILE A 21 6.55 -2.31 0.89
CA ILE A 21 5.09 -2.35 0.98
C ILE A 21 4.64 -2.33 2.44
N THR A 22 3.44 -1.81 2.67
CA THR A 22 2.88 -1.74 4.02
C THR A 22 1.37 -1.93 4.01
N CYS A 23 0.86 -2.55 5.06
CA CYS A 23 -0.58 -2.80 5.16
C CYS A 23 -1.37 -1.51 5.01
N ALA A 24 -2.48 -1.59 4.28
CA ALA A 24 -3.32 -0.42 4.05
C ALA A 24 -4.26 -0.18 5.23
N ASN A 25 -3.92 -0.74 6.38
CA ASN A 25 -4.72 -0.60 7.59
C ASN A 25 -3.87 -0.18 8.78
N CYS A 26 -2.98 -1.08 9.20
CA CYS A 26 -2.10 -0.80 10.32
C CYS A 26 -0.79 -0.17 9.86
N LYS A 27 -0.56 -0.21 8.55
CA LYS A 27 0.65 0.36 7.96
C LYS A 27 1.89 -0.37 8.48
N LYS A 28 1.85 -1.69 8.46
CA LYS A 28 2.96 -2.50 8.92
C LYS A 28 3.81 -2.99 7.75
N PRO A 29 5.13 -3.08 7.95
CA PRO A 29 6.07 -3.54 6.92
C PRO A 29 5.91 -5.02 6.62
N LEU A 30 5.29 -5.34 5.50
CA LEU A 30 5.08 -6.73 5.09
C LEU A 30 6.20 -7.19 4.16
N GLN A 31 6.87 -8.27 4.56
CA GLN A 31 7.96 -8.83 3.77
C GLN A 31 7.43 -9.68 2.63
N LYS A 32 8.33 -10.12 1.75
CA LYS A 32 7.95 -10.95 0.61
C LYS A 32 7.80 -12.41 1.03
N GLY A 33 6.65 -12.75 1.59
CA GLY A 33 6.39 -14.11 2.02
C GLY A 33 5.47 -14.18 3.22
N GLN A 34 5.78 -13.39 4.25
CA GLN A 34 4.98 -13.36 5.47
C GLN A 34 3.50 -13.60 5.15
N THR A 35 2.86 -12.59 4.55
CA THR A 35 1.45 -12.69 4.20
C THR A 35 0.99 -11.46 3.43
N ALA A 36 -0.14 -11.58 2.75
CA ALA A 36 -0.69 -10.48 1.98
C ALA A 36 -2.08 -10.82 1.44
N TYR A 37 -3.00 -9.86 1.56
CA TYR A 37 -4.37 -10.06 1.10
C TYR A 37 -4.74 -9.03 0.04
N GLN A 38 -5.39 -9.49 -1.03
CA GLN A 38 -5.80 -8.61 -2.10
C GLN A 38 -7.19 -8.99 -2.63
N ARG A 39 -8.11 -8.03 -2.62
CA ARG A 39 -9.46 -8.29 -3.09
C ARG A 39 -9.56 -8.05 -4.60
N LYS A 40 -10.45 -8.79 -5.25
CA LYS A 40 -10.64 -8.68 -6.69
C LYS A 40 -10.85 -7.21 -7.09
N GLY A 41 -10.13 -6.78 -8.11
CA GLY A 41 -10.25 -5.41 -8.58
C GLY A 41 -9.36 -4.46 -7.82
N SER A 42 -9.36 -4.57 -6.50
CA SER A 42 -8.54 -3.71 -5.65
C SER A 42 -7.07 -4.14 -5.69
N ALA A 43 -6.18 -3.17 -5.60
CA ALA A 43 -4.75 -3.45 -5.63
C ALA A 43 -4.15 -3.41 -4.22
N HIS A 44 -4.58 -2.42 -3.43
CA HIS A 44 -4.10 -2.27 -2.07
C HIS A 44 -3.98 -3.63 -1.37
N LEU A 45 -2.91 -3.81 -0.62
CA LEU A 45 -2.68 -5.07 0.09
C LEU A 45 -2.94 -4.90 1.59
N PHE A 46 -2.91 -6.00 2.32
CA PHE A 46 -3.14 -5.99 3.76
C PHE A 46 -2.30 -7.05 4.46
N CYS A 47 -2.13 -6.91 5.77
CA CYS A 47 -1.36 -7.86 6.56
C CYS A 47 -2.19 -9.09 6.88
N SER A 48 -3.46 -8.89 7.23
CA SER A 48 -4.35 -9.99 7.57
C SER A 48 -5.80 -9.60 7.35
N THR A 49 -6.67 -10.58 7.24
CA THR A 49 -8.09 -10.35 7.02
C THR A 49 -8.62 -9.30 7.99
N THR A 50 -8.27 -9.45 9.27
CA THR A 50 -8.71 -8.51 10.29
C THR A 50 -8.64 -7.07 9.80
N CYS A 51 -7.54 -6.74 9.13
CA CYS A 51 -7.34 -5.39 8.61
C CYS A 51 -8.16 -5.18 7.33
N LEU A 52 -7.95 -6.04 6.35
CA LEU A 52 -8.67 -5.95 5.09
C LEU A 52 -10.10 -5.44 5.31
N SER A 53 -10.84 -6.14 6.17
CA SER A 53 -12.22 -5.75 6.46
C SER A 53 -12.26 -4.42 7.22
N SER A 54 -11.43 -4.32 8.25
CA SER A 54 -11.38 -3.10 9.06
C SER A 54 -11.31 -1.86 8.19
N PHE A 55 -10.36 -1.85 7.26
CA PHE A 55 -10.19 -0.73 6.35
C PHE A 55 -11.49 -0.39 5.63
N SER A 56 -12.13 -1.42 5.07
CA SER A 56 -13.39 -1.24 4.36
C SER A 56 -14.29 -0.25 5.09
N SER A 57 -14.74 0.78 4.37
CA SER A 57 -15.61 1.79 4.94
C SER A 57 -16.80 2.08 4.03
N GLY A 58 -17.99 1.70 4.47
CA GLY A 58 -19.19 1.92 3.68
C GLY A 58 -20.41 1.27 4.29
N PRO A 59 -21.11 2.01 5.16
CA PRO A 59 -22.31 1.51 5.83
C PRO A 59 -23.49 1.37 4.88
N SER A 60 -23.29 1.82 3.64
CA SER A 60 -24.33 1.74 2.63
C SER A 60 -23.98 0.73 1.54
N SER A 61 -24.52 -0.48 1.67
CA SER A 61 -24.25 -1.54 0.71
C SER A 61 -25.54 -2.30 0.36
N GLY A 62 -26.01 -2.12 -0.86
CA GLY A 62 -27.22 -2.78 -1.30
C GLY A 62 -27.16 -4.29 -1.09
ZN ZN B . -2.70 -4.69 8.92
N GLY A 1 58.41 -11.09 4.94
CA GLY A 1 57.53 -10.04 4.48
C GLY A 1 56.07 -10.42 4.56
N SER A 2 55.20 -9.51 4.13
CA SER A 2 53.75 -9.77 4.16
C SER A 2 53.01 -8.72 3.35
N SER A 3 51.72 -8.97 3.12
CA SER A 3 50.89 -8.04 2.35
C SER A 3 49.42 -8.46 2.41
N GLY A 4 48.54 -7.58 1.92
CA GLY A 4 47.13 -7.87 1.93
C GLY A 4 46.40 -7.20 0.79
N SER A 5 45.07 -7.11 0.91
CA SER A 5 44.25 -6.49 -0.13
C SER A 5 42.79 -6.41 0.32
N SER A 6 41.96 -5.79 -0.52
CA SER A 6 40.54 -5.63 -0.21
C SER A 6 39.77 -5.23 -1.46
N GLY A 7 38.44 -5.17 -1.33
CA GLY A 7 37.60 -4.79 -2.45
C GLY A 7 36.30 -4.15 -2.00
N GLN A 8 35.45 -3.80 -2.97
CA GLN A 8 34.17 -3.18 -2.68
C GLN A 8 33.26 -3.20 -3.89
N PRO A 9 31.95 -3.38 -3.65
CA PRO A 9 30.95 -3.42 -4.72
C PRO A 9 30.74 -2.07 -5.37
N THR A 10 29.98 -2.05 -6.46
CA THR A 10 29.71 -0.81 -7.19
C THR A 10 28.28 -0.35 -6.95
N ALA A 11 27.32 -1.22 -7.24
CA ALA A 11 25.91 -0.91 -7.06
C ALA A 11 25.44 0.13 -8.09
N GLN A 12 25.89 -0.04 -9.32
CA GLN A 12 25.51 0.87 -10.40
C GLN A 12 24.04 0.72 -10.75
N GLN A 13 23.18 1.50 -10.09
CA GLN A 13 21.75 1.44 -10.35
C GLN A 13 21.13 2.83 -10.28
N GLN A 14 19.95 2.99 -10.87
CA GLN A 14 19.26 4.27 -10.89
C GLN A 14 17.95 4.18 -10.10
N LEU A 15 18.01 4.54 -8.82
CA LEU A 15 16.84 4.49 -7.97
C LEU A 15 16.92 5.57 -6.89
N THR A 16 15.77 5.94 -6.34
CA THR A 16 15.70 6.96 -5.30
C THR A 16 15.09 6.40 -4.01
N LYS A 17 14.07 5.57 -4.17
CA LYS A 17 13.39 4.96 -3.04
C LYS A 17 12.89 3.56 -3.38
N PRO A 18 12.95 2.64 -2.40
CA PRO A 18 12.50 1.26 -2.58
C PRO A 18 10.99 1.15 -2.72
N ALA A 19 10.52 0.11 -3.39
CA ALA A 19 9.10 -0.10 -3.58
C ALA A 19 8.52 -1.00 -2.49
N LYS A 20 8.97 -0.78 -1.25
CA LYS A 20 8.50 -1.57 -0.12
C LYS A 20 6.97 -1.64 -0.10
N ILE A 21 6.44 -2.61 0.64
CA ILE A 21 4.99 -2.77 0.75
C ILE A 21 4.55 -2.81 2.21
N THR A 22 3.45 -2.15 2.51
CA THR A 22 2.92 -2.11 3.86
C THR A 22 1.39 -2.24 3.87
N CYS A 23 0.84 -2.63 5.01
CA CYS A 23 -0.60 -2.79 5.15
C CYS A 23 -1.32 -1.46 4.95
N ALA A 24 -2.39 -1.48 4.18
CA ALA A 24 -3.17 -0.28 3.91
C ALA A 24 -4.14 0.01 5.06
N ASN A 25 -3.88 -0.58 6.22
CA ASN A 25 -4.73 -0.38 7.39
C ASN A 25 -3.89 -0.01 8.61
N CYS A 26 -2.98 -0.90 9.00
CA CYS A 26 -2.12 -0.67 10.16
C CYS A 26 -0.79 -0.06 9.72
N LYS A 27 -0.51 -0.12 8.42
CA LYS A 27 0.73 0.43 7.88
C LYS A 27 1.94 -0.30 8.45
N LYS A 28 1.91 -1.62 8.41
CA LYS A 28 3.02 -2.43 8.92
C LYS A 28 3.90 -2.92 7.78
N PRO A 29 5.21 -3.00 8.05
CA PRO A 29 6.19 -3.46 7.06
C PRO A 29 6.06 -4.94 6.76
N LEU A 30 5.36 -5.28 5.68
CA LEU A 30 5.16 -6.66 5.28
C LEU A 30 6.43 -7.24 4.66
N GLN A 31 6.71 -8.51 4.95
CA GLN A 31 7.89 -9.17 4.41
C GLN A 31 7.51 -10.07 3.24
N LYS A 32 8.46 -10.24 2.32
CA LYS A 32 8.22 -11.08 1.15
C LYS A 32 7.52 -12.37 1.53
N GLY A 33 8.08 -13.08 2.52
CA GLY A 33 7.49 -14.33 2.97
C GLY A 33 6.10 -14.13 3.55
N GLN A 34 5.94 -13.10 4.37
CA GLN A 34 4.66 -12.81 5.00
C GLN A 34 3.55 -12.75 3.96
N THR A 35 2.44 -13.43 4.25
CA THR A 35 1.31 -13.45 3.33
C THR A 35 0.55 -12.12 3.36
N ALA A 36 -0.12 -11.80 2.26
CA ALA A 36 -0.88 -10.56 2.16
C ALA A 36 -2.30 -10.84 1.65
N TYR A 37 -3.26 -10.07 2.15
CA TYR A 37 -4.65 -10.22 1.74
C TYR A 37 -5.07 -9.11 0.78
N GLN A 38 -5.80 -9.49 -0.26
CA GLN A 38 -6.27 -8.53 -1.25
C GLN A 38 -7.78 -8.57 -1.39
N ARG A 39 -8.39 -7.40 -1.51
CA ARG A 39 -9.84 -7.31 -1.64
C ARG A 39 -10.23 -6.99 -3.08
N LYS A 40 -10.88 -7.95 -3.73
CA LYS A 40 -11.31 -7.78 -5.11
C LYS A 40 -11.72 -6.33 -5.38
N GLY A 41 -11.32 -5.81 -6.54
CA GLY A 41 -11.65 -4.45 -6.89
C GLY A 41 -10.70 -3.44 -6.28
N SER A 42 -10.52 -3.51 -4.98
CA SER A 42 -9.63 -2.59 -4.26
C SER A 42 -8.22 -2.68 -4.83
N ALA A 43 -7.52 -1.55 -4.82
CA ALA A 43 -6.16 -1.48 -5.32
C ALA A 43 -5.15 -1.30 -4.20
N HIS A 44 -5.38 -2.01 -3.09
CA HIS A 44 -4.49 -1.93 -1.93
C HIS A 44 -4.35 -3.30 -1.26
N LEU A 45 -3.18 -3.54 -0.68
CA LEU A 45 -2.91 -4.81 0.00
C LEU A 45 -3.06 -4.67 1.51
N PHE A 46 -3.03 -5.80 2.20
CA PHE A 46 -3.16 -5.80 3.66
C PHE A 46 -2.31 -6.90 4.27
N CYS A 47 -2.03 -6.76 5.58
CA CYS A 47 -1.22 -7.73 6.29
C CYS A 47 -2.02 -9.00 6.58
N SER A 48 -3.28 -8.83 6.95
CA SER A 48 -4.15 -9.96 7.26
C SER A 48 -5.61 -9.59 7.04
N THR A 49 -6.44 -10.59 6.76
CA THR A 49 -7.86 -10.38 6.53
C THR A 49 -8.45 -9.42 7.57
N THR A 50 -7.86 -9.43 8.76
CA THR A 50 -8.33 -8.57 9.84
C THR A 50 -8.37 -7.11 9.40
N CYS A 51 -7.35 -6.70 8.65
CA CYS A 51 -7.26 -5.33 8.17
C CYS A 51 -8.02 -5.16 6.85
N LEU A 52 -7.68 -6.01 5.88
CA LEU A 52 -8.33 -5.96 4.57
C LEU A 52 -9.83 -5.67 4.71
N SER A 53 -10.45 -6.29 5.72
CA SER A 53 -11.87 -6.11 5.96
C SER A 53 -12.12 -4.89 6.85
N SER A 54 -11.30 -4.73 7.88
CA SER A 54 -11.43 -3.61 8.80
C SER A 54 -11.48 -2.29 8.04
N PHE A 55 -10.55 -2.11 7.12
CA PHE A 55 -10.49 -0.88 6.32
C PHE A 55 -11.88 -0.47 5.84
N SER A 56 -12.64 -1.45 5.36
CA SER A 56 -13.99 -1.19 4.87
C SER A 56 -14.75 -0.29 5.83
N SER A 57 -14.90 -0.74 7.06
CA SER A 57 -15.63 0.02 8.08
C SER A 57 -14.95 1.37 8.32
N GLY A 58 -13.64 1.34 8.52
CA GLY A 58 -12.91 2.58 8.76
C GLY A 58 -11.48 2.33 9.21
N PRO A 59 -10.53 3.13 8.71
CA PRO A 59 -9.12 3.01 9.06
C PRO A 59 -8.83 3.42 10.49
N SER A 60 -7.91 2.70 11.13
CA SER A 60 -7.55 2.98 12.52
C SER A 60 -6.09 3.38 12.62
N SER A 61 -5.82 4.68 12.60
CA SER A 61 -4.45 5.18 12.69
C SER A 61 -4.08 5.48 14.15
N GLY A 62 -2.92 4.98 14.57
CA GLY A 62 -2.47 5.20 15.93
C GLY A 62 -1.18 4.47 16.24
ZN ZN B . -2.69 -4.74 8.89
N GLY A 1 5.75 4.43 -44.98
CA GLY A 1 5.31 5.74 -44.58
C GLY A 1 5.00 5.82 -43.09
N SER A 2 4.41 6.93 -42.67
CA SER A 2 4.08 7.13 -41.27
C SER A 2 2.73 7.82 -41.12
N SER A 3 2.29 8.00 -39.88
CA SER A 3 1.02 8.65 -39.61
C SER A 3 1.20 9.90 -38.76
N GLY A 4 1.86 9.73 -37.61
CA GLY A 4 2.10 10.85 -36.72
C GLY A 4 1.90 10.49 -35.27
N SER A 5 1.90 11.51 -34.41
CA SER A 5 1.72 11.29 -32.97
C SER A 5 1.04 12.48 -32.32
N SER A 6 0.66 12.33 -31.05
CA SER A 6 0.01 13.40 -30.31
C SER A 6 0.92 13.96 -29.24
N GLY A 7 1.30 13.12 -28.29
CA GLY A 7 2.18 13.55 -27.21
C GLY A 7 1.51 13.47 -25.85
N GLN A 8 2.12 14.10 -24.85
CA GLN A 8 1.58 14.10 -23.50
C GLN A 8 2.27 15.16 -22.64
N PRO A 9 1.47 15.83 -21.79
CA PRO A 9 1.98 16.88 -20.90
C PRO A 9 2.86 16.31 -19.79
N THR A 10 3.54 17.21 -19.08
CA THR A 10 4.42 16.80 -17.98
C THR A 10 4.23 17.69 -16.77
N ALA A 11 4.60 17.18 -15.60
CA ALA A 11 4.47 17.93 -14.36
C ALA A 11 5.62 17.61 -13.40
N GLN A 12 5.90 18.54 -12.49
CA GLN A 12 6.97 18.34 -11.52
C GLN A 12 6.42 18.36 -10.09
N GLN A 13 6.46 17.21 -9.43
CA GLN A 13 5.97 17.09 -8.07
C GLN A 13 7.09 16.67 -7.12
N GLN A 14 6.89 16.92 -5.83
CA GLN A 14 7.89 16.57 -4.82
C GLN A 14 7.40 15.42 -3.95
N LEU A 15 7.77 14.20 -4.32
CA LEU A 15 7.37 13.01 -3.58
C LEU A 15 8.37 11.87 -3.79
N THR A 16 8.78 11.23 -2.70
CA THR A 16 9.72 10.13 -2.78
C THR A 16 9.17 8.89 -2.08
N LYS A 17 8.95 7.83 -2.84
CA LYS A 17 8.42 6.58 -2.30
C LYS A 17 9.56 5.60 -2.02
N PRO A 18 9.41 4.83 -0.93
CA PRO A 18 10.41 3.84 -0.52
C PRO A 18 10.45 2.64 -1.47
N ALA A 19 11.07 1.56 -1.02
CA ALA A 19 11.17 0.34 -1.82
C ALA A 19 10.68 -0.86 -1.05
N LYS A 20 9.46 -0.77 -0.51
CA LYS A 20 8.87 -1.86 0.25
C LYS A 20 7.35 -1.78 0.23
N ILE A 21 6.69 -2.79 0.78
CA ILE A 21 5.24 -2.83 0.83
C ILE A 21 4.74 -2.89 2.27
N THR A 22 3.64 -2.20 2.55
CA THR A 22 3.06 -2.18 3.88
C THR A 22 1.55 -2.38 3.82
N CYS A 23 0.94 -2.56 5.00
CA CYS A 23 -0.50 -2.77 5.08
C CYS A 23 -1.25 -1.46 4.88
N ALA A 24 -2.30 -1.50 4.06
CA ALA A 24 -3.10 -0.31 3.78
C ALA A 24 -4.08 -0.04 4.92
N ASN A 25 -3.85 -0.66 6.07
CA ASN A 25 -4.71 -0.48 7.22
C ASN A 25 -3.90 -0.06 8.45
N CYS A 26 -2.97 -0.93 8.86
CA CYS A 26 -2.13 -0.65 10.01
C CYS A 26 -0.82 0.00 9.59
N LYS A 27 -0.50 -0.11 8.30
CA LYS A 27 0.73 0.46 7.76
C LYS A 27 1.96 -0.20 8.37
N LYS A 28 1.95 -1.53 8.40
CA LYS A 28 3.07 -2.29 8.94
C LYS A 28 3.98 -2.80 7.84
N PRO A 29 5.28 -2.91 8.14
CA PRO A 29 6.28 -3.39 7.18
C PRO A 29 6.13 -4.87 6.87
N LEU A 30 5.46 -5.17 5.76
CA LEU A 30 5.25 -6.56 5.35
C LEU A 30 6.48 -7.11 4.64
N GLN A 31 6.84 -8.34 4.96
CA GLN A 31 8.00 -8.99 4.35
C GLN A 31 7.60 -9.70 3.06
N LYS A 32 8.59 -10.27 2.38
CA LYS A 32 8.35 -10.97 1.13
C LYS A 32 7.52 -12.23 1.36
N GLY A 33 7.93 -13.04 2.33
CA GLY A 33 7.21 -14.25 2.64
C GLY A 33 5.84 -13.98 3.23
N GLN A 34 5.77 -13.02 4.14
CA GLN A 34 4.51 -12.66 4.79
C GLN A 34 3.37 -12.67 3.79
N THR A 35 2.25 -13.29 4.18
CA THR A 35 1.08 -13.38 3.32
C THR A 35 0.39 -12.03 3.20
N ALA A 36 -0.26 -11.80 2.06
CA ALA A 36 -0.97 -10.54 1.82
C ALA A 36 -2.43 -10.80 1.49
N TYR A 37 -3.29 -9.85 1.85
CA TYR A 37 -4.72 -9.98 1.59
C TYR A 37 -5.22 -8.81 0.74
N GLN A 38 -5.80 -9.16 -0.41
CA GLN A 38 -6.32 -8.15 -1.33
C GLN A 38 -7.82 -8.31 -1.53
N ARG A 39 -8.50 -7.21 -1.83
CA ARG A 39 -9.94 -7.24 -2.05
C ARG A 39 -10.28 -7.01 -3.52
N LYS A 40 -11.31 -7.70 -4.00
CA LYS A 40 -11.74 -7.56 -5.39
C LYS A 40 -11.84 -6.10 -5.79
N GLY A 41 -11.63 -5.82 -7.07
CA GLY A 41 -11.71 -4.46 -7.56
C GLY A 41 -11.02 -3.47 -6.64
N SER A 42 -9.73 -3.72 -6.37
CA SER A 42 -8.96 -2.85 -5.50
C SER A 42 -7.46 -3.14 -5.65
N ALA A 43 -6.66 -2.08 -5.62
CA ALA A 43 -5.21 -2.22 -5.74
C ALA A 43 -4.52 -1.93 -4.41
N HIS A 44 -5.09 -2.46 -3.34
CA HIS A 44 -4.52 -2.27 -2.00
C HIS A 44 -4.32 -3.60 -1.31
N LEU A 45 -3.12 -3.79 -0.74
CA LEU A 45 -2.79 -5.03 -0.05
C LEU A 45 -2.99 -4.87 1.45
N PHE A 46 -3.01 -6.00 2.17
CA PHE A 46 -3.18 -5.99 3.61
C PHE A 46 -2.33 -7.06 4.27
N CYS A 47 -2.02 -6.86 5.55
CA CYS A 47 -1.21 -7.81 6.29
C CYS A 47 -2.02 -9.04 6.68
N SER A 48 -3.26 -8.82 7.12
CA SER A 48 -4.14 -9.90 7.51
C SER A 48 -5.61 -9.51 7.34
N THR A 49 -6.47 -10.52 7.27
CA THR A 49 -7.90 -10.29 7.09
C THR A 49 -8.39 -9.18 8.01
N THR A 50 -8.10 -9.31 9.30
CA THR A 50 -8.51 -8.33 10.30
C THR A 50 -8.49 -6.92 9.71
N CYS A 51 -7.45 -6.63 8.93
CA CYS A 51 -7.30 -5.32 8.30
C CYS A 51 -8.06 -5.26 6.99
N LEU A 52 -7.73 -6.16 6.08
CA LEU A 52 -8.39 -6.22 4.77
C LEU A 52 -9.88 -5.95 4.90
N SER A 53 -10.49 -6.51 5.95
CA SER A 53 -11.92 -6.34 6.18
C SER A 53 -12.19 -5.04 6.94
N SER A 54 -11.46 -4.83 8.03
CA SER A 54 -11.63 -3.63 8.85
C SER A 54 -11.67 -2.39 7.97
N PHE A 55 -10.72 -2.29 7.03
CA PHE A 55 -10.64 -1.16 6.13
C PHE A 55 -12.04 -0.78 5.61
N SER A 56 -12.78 -1.78 5.16
CA SER A 56 -14.12 -1.56 4.63
C SER A 56 -14.96 -0.74 5.62
N SER A 57 -15.76 0.18 5.08
CA SER A 57 -16.61 1.02 5.91
C SER A 57 -17.58 0.18 6.73
N GLY A 58 -18.28 -0.73 6.06
CA GLY A 58 -19.22 -1.58 6.74
C GLY A 58 -20.46 -0.84 7.19
N PRO A 59 -21.27 -1.49 8.05
CA PRO A 59 -22.51 -0.89 8.57
C PRO A 59 -22.24 0.26 9.54
N SER A 60 -22.25 1.48 9.02
CA SER A 60 -22.01 2.66 9.84
C SER A 60 -23.32 3.29 10.29
N SER A 61 -23.46 3.47 11.60
CA SER A 61 -24.67 4.06 12.17
C SER A 61 -24.51 5.57 12.33
N GLY A 62 -25.34 6.33 11.64
CA GLY A 62 -25.28 7.78 11.72
C GLY A 62 -26.01 8.45 10.57
ZN ZN B . -2.67 -4.71 8.79
N GLY A 1 14.33 4.80 -35.06
CA GLY A 1 13.50 5.71 -34.30
C GLY A 1 14.23 6.32 -33.12
N SER A 2 14.04 7.62 -32.90
CA SER A 2 14.68 8.32 -31.80
C SER A 2 13.66 9.13 -31.01
N SER A 3 13.98 9.37 -29.73
CA SER A 3 13.09 10.13 -28.86
C SER A 3 13.89 10.89 -27.80
N GLY A 4 13.40 12.07 -27.43
CA GLY A 4 14.08 12.87 -26.44
C GLY A 4 13.36 14.18 -26.16
N SER A 5 12.09 14.08 -25.76
CA SER A 5 11.29 15.26 -25.47
C SER A 5 11.23 15.51 -23.96
N SER A 6 11.39 16.77 -23.57
CA SER A 6 11.35 17.13 -22.15
C SER A 6 10.06 16.66 -21.50
N GLY A 7 8.93 17.17 -21.98
CA GLY A 7 7.65 16.79 -21.43
C GLY A 7 7.55 17.07 -19.95
N GLN A 8 6.65 17.99 -19.59
CA GLN A 8 6.45 18.35 -18.20
C GLN A 8 5.12 17.84 -17.67
N PRO A 9 5.05 16.51 -17.42
CA PRO A 9 3.84 15.87 -16.92
C PRO A 9 3.52 16.27 -15.48
N THR A 10 2.38 15.80 -14.98
CA THR A 10 1.96 16.11 -13.62
C THR A 10 2.66 15.20 -12.61
N ALA A 11 3.00 15.77 -11.46
CA ALA A 11 3.68 15.01 -10.40
C ALA A 11 3.57 15.72 -9.07
N GLN A 12 4.12 15.10 -8.02
CA GLN A 12 4.09 15.67 -6.69
C GLN A 12 5.30 16.57 -6.45
N GLN A 13 5.34 17.22 -5.29
CA GLN A 13 6.44 18.10 -4.94
C GLN A 13 7.71 17.31 -4.64
N GLN A 14 7.53 16.09 -4.12
CA GLN A 14 8.66 15.23 -3.79
C GLN A 14 8.72 14.04 -4.74
N LEU A 15 9.86 13.36 -4.76
CA LEU A 15 10.05 12.19 -5.62
C LEU A 15 10.62 11.03 -4.82
N THR A 16 9.97 9.87 -4.90
CA THR A 16 10.42 8.68 -4.19
C THR A 16 9.98 7.41 -4.92
N LYS A 17 10.88 6.43 -4.99
CA LYS A 17 10.57 5.17 -5.65
C LYS A 17 10.16 4.11 -4.64
N PRO A 18 9.33 3.15 -5.08
CA PRO A 18 8.83 2.07 -4.23
C PRO A 18 9.94 1.08 -3.86
N ALA A 19 10.15 0.89 -2.56
CA ALA A 19 11.17 -0.03 -2.07
C ALA A 19 10.54 -1.22 -1.37
N LYS A 20 9.45 -0.97 -0.66
CA LYS A 20 8.75 -2.04 0.07
C LYS A 20 7.25 -1.78 0.08
N ILE A 21 6.50 -2.71 0.66
CA ILE A 21 5.05 -2.59 0.74
C ILE A 21 4.57 -2.63 2.18
N THR A 22 3.57 -1.82 2.49
CA THR A 22 3.00 -1.76 3.83
C THR A 22 1.49 -1.88 3.81
N CYS A 23 0.93 -2.52 4.83
CA CYS A 23 -0.51 -2.70 4.93
C CYS A 23 -1.23 -1.37 4.81
N ALA A 24 -2.31 -1.36 4.03
CA ALA A 24 -3.11 -0.14 3.84
C ALA A 24 -4.07 0.07 5.00
N ASN A 25 -3.82 -0.61 6.11
CA ASN A 25 -4.67 -0.49 7.29
C ASN A 25 -3.85 -0.10 8.51
N CYS A 26 -2.91 -0.95 8.88
CA CYS A 26 -2.05 -0.70 10.04
C CYS A 26 -0.75 -0.02 9.62
N LYS A 27 -0.46 -0.07 8.31
CA LYS A 27 0.76 0.53 7.79
C LYS A 27 2.00 -0.13 8.36
N LYS A 28 2.02 -1.46 8.34
CA LYS A 28 3.15 -2.21 8.85
C LYS A 28 4.02 -2.75 7.72
N PRO A 29 5.34 -2.81 7.96
CA PRO A 29 6.31 -3.30 6.97
C PRO A 29 6.17 -4.80 6.72
N LEU A 30 5.49 -5.15 5.63
CA LEU A 30 5.29 -6.55 5.28
C LEU A 30 6.55 -7.13 4.65
N GLN A 31 6.71 -8.45 4.76
CA GLN A 31 7.87 -9.13 4.19
C GLN A 31 7.45 -10.15 3.15
N LYS A 32 8.36 -10.47 2.23
CA LYS A 32 8.08 -11.43 1.17
C LYS A 32 7.49 -12.71 1.75
N GLY A 33 8.05 -13.17 2.86
CA GLY A 33 7.56 -14.38 3.49
C GLY A 33 6.13 -14.26 3.96
N GLN A 34 5.80 -13.13 4.57
CA GLN A 34 4.45 -12.89 5.07
C GLN A 34 3.43 -12.99 3.94
N THR A 35 2.15 -13.03 4.32
CA THR A 35 1.07 -13.13 3.33
C THR A 35 0.44 -11.76 3.09
N ALA A 36 -0.25 -11.64 1.95
CA ALA A 36 -0.92 -10.39 1.60
C ALA A 36 -2.35 -10.64 1.15
N TYR A 37 -3.27 -9.78 1.57
CA TYR A 37 -4.67 -9.91 1.21
C TYR A 37 -5.14 -8.71 0.40
N GLN A 38 -5.71 -8.99 -0.77
CA GLN A 38 -6.20 -7.92 -1.65
C GLN A 38 -7.59 -8.25 -2.17
N ARG A 39 -8.49 -7.27 -2.13
CA ARG A 39 -9.85 -7.46 -2.60
C ARG A 39 -9.92 -7.34 -4.12
N LYS A 40 -10.90 -8.01 -4.71
CA LYS A 40 -11.08 -7.97 -6.16
C LYS A 40 -11.31 -6.54 -6.65
N GLY A 41 -10.47 -6.09 -7.57
CA GLY A 41 -10.59 -4.75 -8.10
C GLY A 41 -9.83 -3.72 -7.27
N SER A 42 -9.89 -3.85 -5.96
CA SER A 42 -9.20 -2.93 -5.07
C SER A 42 -7.69 -3.01 -5.26
N ALA A 43 -7.05 -1.85 -5.32
CA ALA A 43 -5.61 -1.78 -5.50
C ALA A 43 -4.89 -1.51 -4.17
N HIS A 44 -5.33 -2.20 -3.13
CA HIS A 44 -4.73 -2.03 -1.81
C HIS A 44 -4.47 -3.39 -1.16
N LEU A 45 -3.26 -3.57 -0.63
CA LEU A 45 -2.88 -4.82 0.01
C LEU A 45 -3.10 -4.74 1.52
N PHE A 46 -3.03 -5.89 2.19
CA PHE A 46 -3.22 -5.94 3.63
C PHE A 46 -2.30 -6.99 4.26
N CYS A 47 -2.07 -6.87 5.56
CA CYS A 47 -1.21 -7.81 6.28
C CYS A 47 -1.99 -9.07 6.65
N SER A 48 -3.22 -8.89 7.13
CA SER A 48 -4.05 -10.02 7.52
C SER A 48 -5.52 -9.73 7.24
N THR A 49 -6.36 -10.74 7.43
CA THR A 49 -7.80 -10.59 7.20
C THR A 49 -8.39 -9.50 8.08
N THR A 50 -7.93 -9.45 9.33
CA THR A 50 -8.42 -8.45 10.28
C THR A 50 -8.46 -7.06 9.64
N CYS A 51 -7.39 -6.69 8.96
CA CYS A 51 -7.30 -5.40 8.31
C CYS A 51 -8.11 -5.38 7.02
N LEU A 52 -7.97 -6.45 6.22
CA LEU A 52 -8.69 -6.56 4.96
C LEU A 52 -10.14 -6.15 5.12
N SER A 53 -10.76 -6.59 6.21
CA SER A 53 -12.16 -6.26 6.49
C SER A 53 -12.28 -4.90 7.18
N SER A 54 -11.54 -4.75 8.28
CA SER A 54 -11.56 -3.50 9.04
C SER A 54 -11.52 -2.30 8.10
N PHE A 55 -10.56 -2.30 7.19
CA PHE A 55 -10.40 -1.21 6.23
C PHE A 55 -11.76 -0.80 5.66
N SER A 56 -12.57 -1.79 5.29
CA SER A 56 -13.88 -1.53 4.72
C SER A 56 -14.76 -0.75 5.70
N SER A 57 -15.40 0.29 5.19
CA SER A 57 -16.27 1.13 6.03
C SER A 57 -17.70 1.12 5.49
N GLY A 58 -18.18 -0.05 5.08
CA GLY A 58 -19.52 -0.16 4.55
C GLY A 58 -19.78 -1.51 3.91
N PRO A 59 -21.02 -1.99 4.02
CA PRO A 59 -21.43 -3.28 3.45
C PRO A 59 -21.47 -3.26 1.93
N SER A 60 -20.77 -4.19 1.30
CA SER A 60 -20.72 -4.27 -0.16
C SER A 60 -22.14 -4.31 -0.73
N SER A 61 -22.28 -3.82 -1.97
CA SER A 61 -23.57 -3.80 -2.64
C SER A 61 -23.61 -4.80 -3.78
N GLY A 62 -22.63 -4.70 -4.68
CA GLY A 62 -22.56 -5.60 -5.82
C GLY A 62 -21.80 -5.01 -6.98
ZN ZN B . -2.68 -4.64 8.63
N GLY A 1 5.70 49.20 -15.78
CA GLY A 1 5.25 48.16 -14.88
C GLY A 1 6.33 47.14 -14.58
N SER A 2 6.39 46.69 -13.33
CA SER A 2 7.39 45.71 -12.92
C SER A 2 7.10 45.20 -11.51
N SER A 3 6.85 43.91 -11.39
CA SER A 3 6.56 43.30 -10.09
C SER A 3 6.89 41.80 -10.10
N GLY A 4 7.38 41.32 -8.98
CA GLY A 4 7.74 39.91 -8.87
C GLY A 4 7.70 39.40 -7.44
N SER A 5 7.74 38.09 -7.28
CA SER A 5 7.70 37.48 -5.96
C SER A 5 8.76 36.38 -5.84
N SER A 6 8.91 35.84 -4.63
CA SER A 6 9.88 34.79 -4.38
C SER A 6 9.38 33.81 -3.32
N GLY A 7 9.43 32.52 -3.62
CA GLY A 7 8.97 31.52 -2.68
C GLY A 7 9.51 30.14 -3.01
N GLN A 8 9.77 29.34 -1.98
CA GLN A 8 10.29 27.99 -2.16
C GLN A 8 9.26 26.95 -1.72
N PRO A 9 8.36 26.58 -2.65
CA PRO A 9 7.31 25.59 -2.37
C PRO A 9 7.88 24.18 -2.22
N THR A 10 9.20 24.07 -2.17
CA THR A 10 9.86 22.79 -2.03
C THR A 10 9.04 21.84 -1.17
N ALA A 11 9.17 20.54 -1.42
CA ALA A 11 8.45 19.54 -0.67
C ALA A 11 9.38 18.44 -0.17
N GLN A 12 10.03 17.75 -1.09
CA GLN A 12 10.94 16.67 -0.74
C GLN A 12 10.22 15.53 -0.05
N GLN A 13 9.05 15.17 -0.58
CA GLN A 13 8.25 14.09 -0.01
C GLN A 13 7.20 13.61 -1.01
N GLN A 14 6.56 12.49 -0.70
CA GLN A 14 5.53 11.93 -1.56
C GLN A 14 6.13 11.52 -2.91
N LEU A 15 7.22 10.76 -2.87
CA LEU A 15 7.89 10.31 -4.08
C LEU A 15 6.87 9.72 -5.06
N THR A 16 7.30 9.55 -6.31
CA THR A 16 6.43 9.00 -7.34
C THR A 16 5.73 7.74 -6.86
N LYS A 17 6.49 6.84 -6.23
CA LYS A 17 5.94 5.60 -5.72
C LYS A 17 6.77 5.08 -4.55
N PRO A 18 6.12 4.30 -3.67
CA PRO A 18 6.78 3.72 -2.50
C PRO A 18 7.79 2.64 -2.86
N ALA A 19 8.77 2.42 -1.99
CA ALA A 19 9.79 1.41 -2.23
C ALA A 19 9.37 0.06 -1.66
N LYS A 20 8.95 0.07 -0.40
CA LYS A 20 8.52 -1.16 0.26
C LYS A 20 6.99 -1.26 0.29
N ILE A 21 6.49 -2.35 0.87
CA ILE A 21 5.05 -2.56 0.96
C ILE A 21 4.60 -2.61 2.42
N THR A 22 3.49 -1.94 2.71
CA THR A 22 2.95 -1.92 4.06
C THR A 22 1.42 -2.00 4.05
N CYS A 23 0.87 -2.77 4.98
CA CYS A 23 -0.58 -2.93 5.08
C CYS A 23 -1.29 -1.61 4.81
N ALA A 24 -2.39 -1.68 4.05
CA ALA A 24 -3.16 -0.49 3.73
C ALA A 24 -4.11 -0.13 4.86
N ASN A 25 -3.84 -0.66 6.05
CA ASN A 25 -4.66 -0.38 7.22
C ASN A 25 -3.81 0.07 8.41
N CYS A 26 -2.89 -0.81 8.82
CA CYS A 26 -2.01 -0.51 9.94
C CYS A 26 -0.67 0.04 9.45
N LYS A 27 -0.39 -0.16 8.16
CA LYS A 27 0.85 0.31 7.56
C LYS A 27 2.06 -0.39 8.18
N LYS A 28 1.97 -1.72 8.28
CA LYS A 28 3.05 -2.52 8.85
C LYS A 28 3.90 -3.14 7.76
N PRO A 29 5.22 -3.20 8.00
CA PRO A 29 6.18 -3.78 7.04
C PRO A 29 6.03 -5.28 6.90
N LEU A 30 5.37 -5.72 5.83
CA LEU A 30 5.15 -7.14 5.58
C LEU A 30 6.40 -7.78 4.99
N GLN A 31 6.99 -8.70 5.73
CA GLN A 31 8.19 -9.40 5.28
C GLN A 31 8.04 -9.87 3.84
N LYS A 32 9.09 -9.64 3.04
CA LYS A 32 9.07 -10.04 1.64
C LYS A 32 8.78 -11.53 1.49
N GLY A 33 7.51 -11.86 1.27
CA GLY A 33 7.12 -13.24 1.12
C GLY A 33 5.85 -13.58 1.87
N GLN A 34 5.78 -13.13 3.13
CA GLN A 34 4.61 -13.39 3.96
C GLN A 34 3.32 -13.22 3.16
N THR A 35 2.38 -14.14 3.34
CA THR A 35 1.11 -14.09 2.63
C THR A 35 0.46 -12.72 2.77
N ALA A 36 -0.18 -12.26 1.70
CA ALA A 36 -0.84 -10.96 1.70
C ALA A 36 -2.25 -11.07 1.13
N TYR A 37 -3.17 -10.30 1.69
CA TYR A 37 -4.56 -10.30 1.25
C TYR A 37 -4.78 -9.25 0.16
N GLN A 38 -5.58 -9.61 -0.83
CA GLN A 38 -5.88 -8.69 -1.93
C GLN A 38 -7.27 -8.97 -2.50
N ARG A 39 -8.09 -7.92 -2.58
CA ARG A 39 -9.44 -8.05 -3.11
C ARG A 39 -9.45 -7.96 -4.63
N LYS A 40 -10.62 -8.16 -5.23
CA LYS A 40 -10.75 -8.11 -6.68
C LYS A 40 -10.83 -6.66 -7.16
N GLY A 41 -9.86 -6.26 -7.98
CA GLY A 41 -9.84 -4.91 -8.50
C GLY A 41 -8.99 -3.98 -7.65
N SER A 42 -9.26 -3.97 -6.34
CA SER A 42 -8.52 -3.11 -5.43
C SER A 42 -7.04 -3.48 -5.41
N ALA A 43 -6.20 -2.59 -5.95
CA ALA A 43 -4.77 -2.83 -5.99
C ALA A 43 -4.12 -2.52 -4.65
N HIS A 44 -4.76 -3.00 -3.57
CA HIS A 44 -4.24 -2.78 -2.23
C HIS A 44 -3.99 -4.11 -1.52
N LEU A 45 -3.10 -4.10 -0.54
CA LEU A 45 -2.77 -5.30 0.22
C LEU A 45 -3.01 -5.09 1.71
N PHE A 46 -3.01 -6.18 2.46
CA PHE A 46 -3.22 -6.12 3.90
C PHE A 46 -2.37 -7.15 4.63
N CYS A 47 -2.17 -6.95 5.92
CA CYS A 47 -1.38 -7.85 6.73
C CYS A 47 -2.23 -9.02 7.25
N SER A 48 -3.50 -8.73 7.52
CA SER A 48 -4.42 -9.75 8.01
C SER A 48 -5.86 -9.32 7.82
N THR A 49 -6.75 -10.30 7.60
CA THR A 49 -8.17 -10.02 7.40
C THR A 49 -8.63 -8.88 8.30
N THR A 50 -8.37 -9.01 9.60
CA THR A 50 -8.77 -8.00 10.57
C THR A 50 -8.71 -6.60 9.95
N CYS A 51 -7.63 -6.33 9.22
CA CYS A 51 -7.45 -5.03 8.57
C CYS A 51 -8.28 -4.95 7.29
N LEU A 52 -8.20 -5.98 6.47
CA LEU A 52 -8.92 -6.02 5.21
C LEU A 52 -10.36 -5.57 5.40
N SER A 53 -10.98 -6.02 6.49
CA SER A 53 -12.36 -5.67 6.79
C SER A 53 -12.44 -4.29 7.48
N SER A 54 -11.61 -4.12 8.50
CA SER A 54 -11.58 -2.86 9.25
C SER A 54 -11.57 -1.66 8.29
N PHE A 55 -10.66 -1.71 7.32
CA PHE A 55 -10.53 -0.64 6.34
C PHE A 55 -11.91 -0.20 5.83
N SER A 56 -12.69 -1.17 5.36
CA SER A 56 -14.03 -0.89 4.85
C SER A 56 -14.78 0.07 5.76
N SER A 57 -14.70 -0.18 7.06
CA SER A 57 -15.37 0.66 8.04
C SER A 57 -14.50 1.86 8.43
N GLY A 58 -14.58 2.92 7.65
CA GLY A 58 -13.80 4.11 7.91
C GLY A 58 -14.47 5.03 8.93
N PRO A 59 -15.56 5.68 8.50
CA PRO A 59 -16.31 6.60 9.35
C PRO A 59 -17.05 5.88 10.48
N SER A 60 -17.46 6.63 11.50
CA SER A 60 -18.16 6.06 12.64
C SER A 60 -19.61 5.74 12.26
N SER A 61 -20.12 4.61 12.77
CA SER A 61 -21.48 4.19 12.49
C SER A 61 -22.37 4.36 13.72
N GLY A 62 -23.12 5.46 13.75
CA GLY A 62 -24.00 5.72 14.87
C GLY A 62 -25.13 6.67 14.51
ZN ZN B . -2.80 -4.54 8.91
N GLY A 1 -25.73 -31.83 -12.41
CA GLY A 1 -25.60 -30.53 -11.77
C GLY A 1 -24.17 -30.19 -11.43
N SER A 2 -23.60 -29.21 -12.14
CA SER A 2 -22.22 -28.79 -11.91
C SER A 2 -21.94 -27.47 -12.61
N SER A 3 -21.74 -26.42 -11.82
CA SER A 3 -21.45 -25.10 -12.35
C SER A 3 -20.64 -24.27 -11.37
N GLY A 4 -20.02 -23.20 -11.87
CA GLY A 4 -19.21 -22.34 -11.02
C GLY A 4 -17.84 -22.06 -11.61
N SER A 5 -17.59 -20.79 -11.90
CA SER A 5 -16.31 -20.39 -12.47
C SER A 5 -15.83 -19.06 -11.88
N SER A 6 -14.75 -19.11 -11.13
CA SER A 6 -14.20 -17.92 -10.50
C SER A 6 -12.67 -17.91 -10.59
N GLY A 7 -12.07 -16.79 -10.21
CA GLY A 7 -10.62 -16.68 -10.24
C GLY A 7 -10.13 -16.09 -11.55
N GLN A 8 -10.63 -14.91 -11.90
CA GLN A 8 -10.23 -14.25 -13.14
C GLN A 8 -9.49 -12.95 -12.85
N PRO A 9 -8.19 -13.06 -12.53
CA PRO A 9 -7.35 -11.90 -12.22
C PRO A 9 -7.08 -11.04 -13.45
N THR A 10 -7.46 -9.77 -13.37
CA THR A 10 -7.27 -8.84 -14.48
C THR A 10 -7.07 -7.41 -13.96
N ALA A 11 -5.95 -6.80 -14.35
CA ALA A 11 -5.64 -5.45 -13.94
C ALA A 11 -4.67 -4.78 -14.90
N GLN A 12 -4.88 -3.49 -15.16
CA GLN A 12 -4.03 -2.74 -16.06
C GLN A 12 -3.48 -1.49 -15.40
N GLN A 13 -2.21 -1.55 -15.00
CA GLN A 13 -1.56 -0.42 -14.34
C GLN A 13 -0.04 -0.56 -14.39
N GLN A 14 0.66 0.55 -14.17
CA GLN A 14 2.11 0.55 -14.18
C GLN A 14 2.67 1.48 -13.12
N LEU A 15 3.88 1.19 -12.66
CA LEU A 15 4.53 2.00 -11.63
C LEU A 15 5.96 1.52 -11.37
N THR A 16 6.78 2.40 -10.82
CA THR A 16 8.17 2.07 -10.53
C THR A 16 8.27 0.76 -9.74
N LYS A 17 9.29 -0.03 -10.04
CA LYS A 17 9.51 -1.30 -9.36
C LYS A 17 9.09 -1.21 -7.90
N PRO A 18 8.64 -2.36 -7.35
CA PRO A 18 8.21 -2.44 -5.96
C PRO A 18 9.36 -2.28 -4.97
N ALA A 19 9.46 -1.11 -4.36
CA ALA A 19 10.52 -0.83 -3.40
C ALA A 19 10.13 -1.32 -2.01
N LYS A 20 9.01 -0.83 -1.50
CA LYS A 20 8.52 -1.22 -0.18
C LYS A 20 7.02 -1.44 -0.19
N ILE A 21 6.54 -2.31 0.68
CA ILE A 21 5.12 -2.60 0.78
C ILE A 21 4.66 -2.65 2.23
N THR A 22 3.50 -2.05 2.50
CA THR A 22 2.95 -2.04 3.85
C THR A 22 1.43 -2.15 3.83
N CYS A 23 0.86 -2.69 4.90
CA CYS A 23 -0.57 -2.86 5.00
C CYS A 23 -1.29 -1.52 4.88
N ALA A 24 -2.38 -1.51 4.11
CA ALA A 24 -3.15 -0.28 3.91
C ALA A 24 -4.11 -0.04 5.08
N ASN A 25 -3.84 -0.70 6.20
CA ASN A 25 -4.67 -0.55 7.39
C ASN A 25 -3.83 -0.21 8.61
N CYS A 26 -2.91 -1.09 8.96
CA CYS A 26 -2.04 -0.88 10.11
C CYS A 26 -0.73 -0.23 9.67
N LYS A 27 -0.46 -0.25 8.38
CA LYS A 27 0.76 0.33 7.84
C LYS A 27 1.99 -0.37 8.39
N LYS A 28 1.96 -1.69 8.39
CA LYS A 28 3.09 -2.49 8.88
C LYS A 28 3.98 -2.95 7.74
N PRO A 29 5.29 -3.01 7.99
CA PRO A 29 6.27 -3.44 7.00
C PRO A 29 6.17 -4.93 6.70
N LEU A 30 5.44 -5.27 5.64
CA LEU A 30 5.26 -6.66 5.24
C LEU A 30 6.51 -7.20 4.57
N GLN A 31 6.74 -8.50 4.71
CA GLN A 31 7.92 -9.14 4.11
C GLN A 31 7.49 -10.16 3.05
N LYS A 32 8.32 -10.32 2.03
CA LYS A 32 8.05 -11.26 0.95
C LYS A 32 7.63 -12.62 1.52
N GLY A 33 8.11 -12.94 2.71
CA GLY A 33 7.77 -14.20 3.33
C GLY A 33 6.35 -14.23 3.86
N GLN A 34 5.94 -13.15 4.50
CA GLN A 34 4.59 -13.05 5.06
C GLN A 34 3.55 -13.08 3.94
N THR A 35 2.28 -13.16 4.33
CA THR A 35 1.18 -13.21 3.37
C THR A 35 0.33 -11.94 3.44
N ALA A 36 -0.06 -11.43 2.29
CA ALA A 36 -0.88 -10.22 2.22
C ALA A 36 -2.21 -10.50 1.53
N TYR A 37 -3.27 -9.90 2.05
CA TYR A 37 -4.60 -10.08 1.48
C TYR A 37 -4.92 -8.98 0.48
N GLN A 38 -5.74 -9.31 -0.51
CA GLN A 38 -6.12 -8.34 -1.54
C GLN A 38 -7.52 -8.65 -2.07
N ARG A 39 -8.24 -7.60 -2.47
CA ARG A 39 -9.58 -7.77 -3.01
C ARG A 39 -9.55 -7.90 -4.53
N LYS A 40 -10.01 -9.05 -5.01
CA LYS A 40 -10.03 -9.30 -6.46
C LYS A 40 -10.32 -8.02 -7.23
N GLY A 41 -9.33 -7.54 -7.97
CA GLY A 41 -9.49 -6.33 -8.75
C GLY A 41 -9.28 -5.08 -7.92
N SER A 42 -8.20 -5.06 -7.15
CA SER A 42 -7.88 -3.92 -6.30
C SER A 42 -6.38 -3.61 -6.34
N ALA A 43 -5.99 -2.54 -5.67
CA ALA A 43 -4.59 -2.13 -5.62
C ALA A 43 -4.06 -2.16 -4.20
N HIS A 44 -4.87 -1.70 -3.25
CA HIS A 44 -4.48 -1.67 -1.85
C HIS A 44 -4.26 -3.09 -1.32
N LEU A 45 -3.22 -3.26 -0.51
CA LEU A 45 -2.90 -4.56 0.06
C LEU A 45 -3.17 -4.58 1.56
N PHE A 46 -3.08 -5.76 2.17
CA PHE A 46 -3.31 -5.91 3.60
C PHE A 46 -2.42 -7.01 4.18
N CYS A 47 -2.18 -6.94 5.48
CA CYS A 47 -1.34 -7.92 6.16
C CYS A 47 -2.15 -9.17 6.51
N SER A 48 -3.36 -8.96 7.05
CA SER A 48 -4.22 -10.07 7.43
C SER A 48 -5.68 -9.73 7.15
N THR A 49 -6.56 -10.68 7.44
CA THR A 49 -7.99 -10.49 7.22
C THR A 49 -8.56 -9.44 8.17
N THR A 50 -8.05 -9.41 9.39
CA THR A 50 -8.50 -8.45 10.39
C THR A 50 -8.50 -7.03 9.83
N CYS A 51 -7.51 -6.72 9.02
CA CYS A 51 -7.40 -5.39 8.41
C CYS A 51 -8.22 -5.31 7.13
N LEU A 52 -8.00 -6.26 6.23
CA LEU A 52 -8.72 -6.29 4.96
C LEU A 52 -10.15 -5.80 5.14
N SER A 53 -10.84 -6.34 6.14
CA SER A 53 -12.22 -5.96 6.43
C SER A 53 -12.28 -4.62 7.14
N SER A 54 -11.51 -4.50 8.23
CA SER A 54 -11.48 -3.27 9.01
C SER A 54 -11.44 -2.05 8.10
N PHE A 55 -10.52 -2.07 7.13
CA PHE A 55 -10.38 -0.97 6.20
C PHE A 55 -11.75 -0.48 5.71
N SER A 56 -12.57 -1.42 5.26
CA SER A 56 -13.91 -1.09 4.77
C SER A 56 -14.98 -1.73 5.64
N SER A 57 -15.29 -1.07 6.76
CA SER A 57 -16.30 -1.56 7.69
C SER A 57 -17.42 -0.53 7.87
N GLY A 58 -17.03 0.70 8.15
CA GLY A 58 -18.01 1.75 8.35
C GLY A 58 -18.72 2.14 7.06
N PRO A 59 -19.29 3.36 7.03
CA PRO A 59 -20.01 3.86 5.86
C PRO A 59 -19.07 4.15 4.69
N SER A 60 -18.78 3.12 3.90
CA SER A 60 -17.90 3.26 2.75
C SER A 60 -17.82 1.96 1.95
N SER A 61 -18.11 2.05 0.66
CA SER A 61 -18.08 0.88 -0.21
C SER A 61 -17.40 1.21 -1.54
N GLY A 62 -16.62 0.27 -2.03
CA GLY A 62 -15.93 0.47 -3.30
C GLY A 62 -14.50 -0.05 -3.27
ZN ZN B . -2.74 -4.83 8.70
N GLY A 1 -32.81 32.25 -15.50
CA GLY A 1 -32.33 31.34 -14.47
C GLY A 1 -30.83 31.16 -14.50
N SER A 2 -30.28 30.72 -13.38
CA SER A 2 -28.83 30.51 -13.28
C SER A 2 -28.47 29.80 -11.98
N SER A 3 -27.25 29.29 -11.91
CA SER A 3 -26.79 28.58 -10.72
C SER A 3 -25.29 28.79 -10.51
N GLY A 4 -24.78 28.32 -9.38
CA GLY A 4 -23.37 28.46 -9.08
C GLY A 4 -22.99 27.85 -7.75
N SER A 5 -21.69 27.66 -7.53
CA SER A 5 -21.20 27.09 -6.29
C SER A 5 -19.68 27.16 -6.21
N SER A 6 -19.14 26.88 -5.04
CA SER A 6 -17.69 26.91 -4.83
C SER A 6 -17.29 26.04 -3.65
N GLY A 7 -15.99 25.80 -3.51
CA GLY A 7 -15.49 24.99 -2.42
C GLY A 7 -14.30 24.15 -2.83
N GLN A 8 -13.54 23.69 -1.85
CA GLN A 8 -12.36 22.87 -2.11
C GLN A 8 -12.14 21.84 -1.00
N PRO A 9 -11.97 20.57 -1.39
CA PRO A 9 -11.76 19.48 -0.43
C PRO A 9 -10.39 19.56 0.25
N THR A 10 -10.17 18.69 1.22
CA THR A 10 -8.90 18.66 1.95
C THR A 10 -8.21 17.31 1.80
N ALA A 11 -6.92 17.28 2.10
CA ALA A 11 -6.14 16.04 2.00
C ALA A 11 -4.79 16.18 2.70
N GLN A 12 -4.33 15.10 3.30
CA GLN A 12 -3.04 15.11 4.00
C GLN A 12 -1.95 14.49 3.13
N GLN A 13 -0.70 14.72 3.53
CA GLN A 13 0.44 14.18 2.79
C GLN A 13 1.37 13.40 3.71
N GLN A 14 1.86 12.26 3.22
CA GLN A 14 2.76 11.42 4.00
C GLN A 14 3.97 11.00 3.16
N LEU A 15 5.03 10.58 3.85
CA LEU A 15 6.25 10.15 3.17
C LEU A 15 6.12 8.70 2.70
N THR A 16 6.01 8.52 1.39
CA THR A 16 5.89 7.18 0.82
C THR A 16 6.87 6.99 -0.34
N LYS A 17 7.86 6.13 -0.14
CA LYS A 17 8.86 5.85 -1.16
C LYS A 17 8.65 4.47 -1.76
N PRO A 18 9.02 4.32 -3.04
CA PRO A 18 8.89 3.05 -3.76
C PRO A 18 9.85 1.99 -3.26
N ALA A 19 9.67 0.76 -3.72
CA ALA A 19 10.53 -0.35 -3.31
C ALA A 19 10.21 -0.80 -1.89
N LYS A 20 8.92 -0.84 -1.57
CA LYS A 20 8.47 -1.25 -0.24
C LYS A 20 6.96 -1.49 -0.22
N ILE A 21 6.54 -2.48 0.56
CA ILE A 21 5.12 -2.80 0.67
C ILE A 21 4.67 -2.80 2.13
N THR A 22 3.51 -2.19 2.38
CA THR A 22 2.97 -2.11 3.74
C THR A 22 1.46 -2.28 3.72
N CYS A 23 0.89 -2.65 4.88
CA CYS A 23 -0.54 -2.84 5.00
C CYS A 23 -1.30 -1.54 4.78
N ALA A 24 -2.35 -1.59 3.98
CA ALA A 24 -3.15 -0.41 3.68
C ALA A 24 -4.13 -0.13 4.81
N ASN A 25 -3.90 -0.75 5.97
CA ASN A 25 -4.77 -0.57 7.12
C ASN A 25 -3.97 -0.10 8.34
N CYS A 26 -3.00 -0.90 8.75
CA CYS A 26 -2.18 -0.57 9.90
C CYS A 26 -0.87 0.08 9.44
N LYS A 27 -0.53 -0.10 8.17
CA LYS A 27 0.69 0.48 7.63
C LYS A 27 1.93 -0.17 8.24
N LYS A 28 1.94 -1.50 8.29
CA LYS A 28 3.07 -2.24 8.85
C LYS A 28 3.95 -2.81 7.74
N PRO A 29 5.27 -2.81 7.99
CA PRO A 29 6.24 -3.33 7.03
C PRO A 29 6.17 -4.85 6.87
N LEU A 30 5.42 -5.30 5.87
CA LEU A 30 5.26 -6.73 5.62
C LEU A 30 6.58 -7.35 5.20
N GLN A 31 7.00 -8.38 5.94
CA GLN A 31 8.26 -9.06 5.65
C GLN A 31 8.10 -9.98 4.44
N LYS A 32 8.88 -9.70 3.39
CA LYS A 32 8.83 -10.50 2.18
C LYS A 32 8.54 -11.96 2.49
N GLY A 33 7.57 -12.54 1.78
CA GLY A 33 7.20 -13.92 2.00
C GLY A 33 5.84 -14.07 2.64
N GLN A 34 5.57 -13.24 3.63
CA GLN A 34 4.28 -13.28 4.33
C GLN A 34 3.12 -13.33 3.34
N THR A 35 1.91 -13.54 3.86
CA THR A 35 0.73 -13.60 3.02
C THR A 35 -0.09 -12.32 3.13
N ALA A 36 -0.48 -11.77 1.97
CA ALA A 36 -1.27 -10.55 1.94
C ALA A 36 -2.64 -10.80 1.32
N TYR A 37 -3.59 -9.93 1.63
CA TYR A 37 -4.95 -10.06 1.11
C TYR A 37 -5.31 -8.87 0.23
N GLN A 38 -5.78 -9.14 -0.98
CA GLN A 38 -6.16 -8.09 -1.91
C GLN A 38 -7.64 -8.20 -2.28
N ARG A 39 -8.33 -7.07 -2.27
CA ARG A 39 -9.75 -7.04 -2.60
C ARG A 39 -9.95 -6.75 -4.08
N LYS A 40 -11.10 -7.17 -4.61
CA LYS A 40 -11.42 -6.96 -6.02
C LYS A 40 -11.55 -5.47 -6.33
N GLY A 41 -11.10 -5.08 -7.51
CA GLY A 41 -11.17 -3.68 -7.91
C GLY A 41 -10.49 -2.77 -6.93
N SER A 42 -9.33 -3.19 -6.43
CA SER A 42 -8.58 -2.39 -5.46
C SER A 42 -7.11 -2.81 -5.45
N ALA A 43 -6.21 -1.82 -5.50
CA ALA A 43 -4.79 -2.09 -5.49
C ALA A 43 -4.19 -1.86 -4.10
N HIS A 44 -4.88 -2.36 -3.08
CA HIS A 44 -4.43 -2.20 -1.70
C HIS A 44 -4.28 -3.56 -1.03
N LEU A 45 -3.07 -3.85 -0.56
CA LEU A 45 -2.79 -5.12 0.11
C LEU A 45 -3.04 -5.01 1.61
N PHE A 46 -3.06 -6.16 2.29
CA PHE A 46 -3.30 -6.20 3.72
C PHE A 46 -2.39 -7.23 4.39
N CYS A 47 -2.03 -6.95 5.64
CA CYS A 47 -1.16 -7.86 6.39
C CYS A 47 -1.93 -9.10 6.84
N SER A 48 -3.22 -8.92 7.11
CA SER A 48 -4.07 -10.03 7.55
C SER A 48 -5.54 -9.64 7.49
N THR A 49 -6.41 -10.64 7.35
CA THR A 49 -7.84 -10.41 7.28
C THR A 49 -8.27 -9.31 8.26
N THR A 50 -7.91 -9.48 9.52
CA THR A 50 -8.24 -8.51 10.56
C THR A 50 -8.28 -7.10 10.00
N CYS A 51 -7.34 -6.80 9.11
CA CYS A 51 -7.25 -5.48 8.49
C CYS A 51 -8.08 -5.42 7.21
N LEU A 52 -7.88 -6.40 6.34
CA LEU A 52 -8.60 -6.47 5.07
C LEU A 52 -10.02 -5.94 5.24
N SER A 53 -10.72 -6.43 6.25
CA SER A 53 -12.09 -6.00 6.51
C SER A 53 -12.12 -4.65 7.21
N SER A 54 -11.26 -4.49 8.22
CA SER A 54 -11.19 -3.24 8.96
C SER A 54 -11.24 -2.04 8.02
N PHE A 55 -10.44 -2.09 6.97
CA PHE A 55 -10.40 -1.00 5.99
C PHE A 55 -11.82 -0.56 5.61
N SER A 56 -12.61 -1.50 5.12
CA SER A 56 -13.98 -1.22 4.71
C SER A 56 -14.67 -0.33 5.73
N SER A 57 -14.82 -0.84 6.95
CA SER A 57 -15.48 -0.10 8.02
C SER A 57 -14.73 1.20 8.31
N GLY A 58 -15.22 2.30 7.77
CA GLY A 58 -14.60 3.58 7.99
C GLY A 58 -14.02 3.71 9.38
N PRO A 59 -12.82 4.31 9.47
CA PRO A 59 -12.13 4.51 10.76
C PRO A 59 -12.83 5.56 11.63
N SER A 60 -13.33 5.11 12.78
CA SER A 60 -14.02 6.00 13.70
C SER A 60 -13.03 6.94 14.39
N SER A 61 -12.02 6.35 15.04
CA SER A 61 -11.01 7.12 15.74
C SER A 61 -10.16 7.93 14.77
N GLY A 62 -9.47 8.93 15.29
CA GLY A 62 -8.62 9.77 14.44
C GLY A 62 -7.15 9.68 14.84
ZN ZN B . -2.64 -4.68 8.81
N GLY A 1 2.30 -0.09 -42.38
CA GLY A 1 3.31 0.57 -41.58
C GLY A 1 2.72 1.44 -40.49
N SER A 2 3.58 2.11 -39.73
CA SER A 2 3.13 2.97 -38.65
C SER A 2 4.21 3.99 -38.27
N SER A 3 3.83 4.99 -37.49
CA SER A 3 4.76 6.03 -37.08
C SER A 3 4.59 6.35 -35.60
N GLY A 4 5.51 7.15 -35.06
CA GLY A 4 5.44 7.51 -33.66
C GLY A 4 6.13 8.83 -33.37
N SER A 5 6.28 9.16 -32.09
CA SER A 5 6.93 10.41 -31.69
C SER A 5 7.20 10.41 -30.19
N SER A 6 8.43 10.73 -29.82
CA SER A 6 8.83 10.77 -28.41
C SER A 6 8.87 12.21 -27.89
N GLY A 7 8.57 12.38 -26.62
CA GLY A 7 8.59 13.71 -26.02
C GLY A 7 9.83 13.96 -25.19
N GLN A 8 9.72 14.87 -24.22
CA GLN A 8 10.85 15.20 -23.36
C GLN A 8 10.43 15.13 -21.89
N PRO A 9 11.41 14.79 -21.03
CA PRO A 9 11.17 14.68 -19.58
C PRO A 9 10.93 16.04 -18.93
N THR A 10 10.54 16.02 -17.65
CA THR A 10 10.28 17.24 -16.92
C THR A 10 10.85 17.17 -15.51
N ALA A 11 11.67 18.16 -15.15
CA ALA A 11 12.29 18.20 -13.84
C ALA A 11 11.34 17.65 -12.77
N GLN A 12 11.90 16.85 -11.86
CA GLN A 12 11.10 16.25 -10.79
C GLN A 12 12.00 15.53 -9.79
N GLN A 13 11.56 15.48 -8.53
CA GLN A 13 12.32 14.82 -7.49
C GLN A 13 11.40 13.99 -6.59
N GLN A 14 11.84 12.78 -6.27
CA GLN A 14 11.06 11.89 -5.42
C GLN A 14 11.97 11.15 -4.43
N LEU A 15 11.47 10.96 -3.21
CA LEU A 15 12.23 10.27 -2.17
C LEU A 15 11.77 8.83 -2.03
N THR A 16 10.47 8.65 -1.83
CA THR A 16 9.89 7.32 -1.67
C THR A 16 9.88 6.56 -3.00
N LYS A 17 10.42 5.34 -2.99
CA LYS A 17 10.48 4.53 -4.20
C LYS A 17 9.79 3.18 -3.96
N PRO A 18 9.25 2.60 -5.05
CA PRO A 18 8.56 1.30 -4.98
C PRO A 18 9.53 0.15 -4.73
N ALA A 19 9.87 -0.06 -3.46
CA ALA A 19 10.79 -1.13 -3.09
C ALA A 19 10.12 -2.10 -2.12
N LYS A 20 9.49 -1.55 -1.08
CA LYS A 20 8.82 -2.37 -0.09
C LYS A 20 7.31 -2.13 -0.10
N ILE A 21 6.59 -2.81 0.78
CA ILE A 21 5.15 -2.67 0.85
C ILE A 21 4.65 -2.75 2.29
N THR A 22 3.62 -1.99 2.60
CA THR A 22 3.05 -1.96 3.95
C THR A 22 1.53 -2.09 3.91
N CYS A 23 0.97 -2.56 5.02
CA CYS A 23 -0.48 -2.74 5.12
C CYS A 23 -1.20 -1.41 4.90
N ALA A 24 -2.26 -1.44 4.10
CA ALA A 24 -3.05 -0.24 3.82
C ALA A 24 -4.02 0.06 4.96
N ASN A 25 -3.78 -0.55 6.12
CA ASN A 25 -4.64 -0.35 7.27
C ASN A 25 -3.82 0.02 8.50
N CYS A 26 -2.90 -0.86 8.88
CA CYS A 26 -2.04 -0.61 10.04
C CYS A 26 -0.71 0.00 9.62
N LYS A 27 -0.42 -0.07 8.33
CA LYS A 27 0.81 0.48 7.78
C LYS A 27 2.03 -0.23 8.37
N LYS A 28 2.00 -1.56 8.36
CA LYS A 28 3.10 -2.36 8.88
C LYS A 28 3.95 -2.92 7.75
N PRO A 29 5.26 -3.08 8.02
CA PRO A 29 6.21 -3.62 7.03
C PRO A 29 5.99 -5.09 6.75
N LEU A 30 5.33 -5.38 5.63
CA LEU A 30 5.06 -6.76 5.23
C LEU A 30 6.30 -7.42 4.67
N GLN A 31 6.84 -8.40 5.40
CA GLN A 31 8.03 -9.11 4.97
C GLN A 31 7.79 -9.82 3.64
N LYS A 32 8.87 -10.18 2.94
CA LYS A 32 8.77 -10.86 1.66
C LYS A 32 7.81 -12.03 1.74
N GLY A 33 8.05 -12.95 2.68
CA GLY A 33 7.19 -14.10 2.84
C GLY A 33 5.81 -13.72 3.35
N GLN A 34 5.76 -12.78 4.29
CA GLN A 34 4.50 -12.35 4.85
C GLN A 34 3.42 -12.23 3.78
N THR A 35 2.44 -13.12 3.82
CA THR A 35 1.36 -13.12 2.85
C THR A 35 0.59 -11.80 2.89
N ALA A 36 -0.23 -11.58 1.87
CA ALA A 36 -1.03 -10.36 1.80
C ALA A 36 -2.49 -10.67 1.46
N TYR A 37 -3.40 -9.83 1.95
CA TYR A 37 -4.82 -10.03 1.70
C TYR A 37 -5.38 -8.93 0.80
N GLN A 38 -6.06 -9.33 -0.26
CA GLN A 38 -6.64 -8.38 -1.19
C GLN A 38 -8.14 -8.62 -1.36
N ARG A 39 -8.86 -7.62 -1.86
CA ARG A 39 -10.29 -7.72 -2.07
C ARG A 39 -10.64 -7.66 -3.55
N LYS A 40 -11.92 -7.82 -3.87
CA LYS A 40 -12.38 -7.76 -5.25
C LYS A 40 -12.28 -6.36 -5.80
N GLY A 41 -11.84 -6.25 -7.06
CA GLY A 41 -11.72 -4.94 -7.69
C GLY A 41 -10.95 -3.95 -6.84
N SER A 42 -9.81 -4.39 -6.31
CA SER A 42 -8.98 -3.54 -5.46
C SER A 42 -7.49 -3.81 -5.70
N ALA A 43 -6.66 -2.82 -5.42
CA ALA A 43 -5.22 -2.94 -5.59
C ALA A 43 -4.50 -2.97 -4.26
N HIS A 44 -4.92 -2.08 -3.35
CA HIS A 44 -4.31 -2.00 -2.02
C HIS A 44 -4.28 -3.37 -1.36
N LEU A 45 -3.15 -3.69 -0.74
CA LEU A 45 -2.99 -4.98 -0.06
C LEU A 45 -3.15 -4.81 1.45
N PHE A 46 -3.14 -5.93 2.16
CA PHE A 46 -3.29 -5.92 3.61
C PHE A 46 -2.43 -7.00 4.26
N CYS A 47 -2.08 -6.80 5.53
CA CYS A 47 -1.25 -7.75 6.26
C CYS A 47 -2.05 -9.02 6.57
N SER A 48 -3.28 -8.84 7.04
CA SER A 48 -4.13 -9.97 7.39
C SER A 48 -5.60 -9.64 7.15
N THR A 49 -6.40 -10.65 6.85
CA THR A 49 -7.83 -10.47 6.60
C THR A 49 -8.45 -9.51 7.61
N THR A 50 -7.82 -9.40 8.78
CA THR A 50 -8.30 -8.53 9.84
C THR A 50 -8.35 -7.08 9.37
N CYS A 51 -7.31 -6.66 8.64
CA CYS A 51 -7.23 -5.30 8.14
C CYS A 51 -7.99 -5.16 6.82
N LEU A 52 -7.85 -6.16 5.96
CA LEU A 52 -8.52 -6.16 4.66
C LEU A 52 -10.02 -5.89 4.83
N SER A 53 -10.57 -6.36 5.95
CA SER A 53 -11.99 -6.17 6.23
C SER A 53 -12.21 -4.94 7.11
N SER A 54 -11.43 -4.82 8.17
CA SER A 54 -11.54 -3.70 9.09
C SER A 54 -11.53 -2.37 8.32
N PHE A 55 -10.64 -2.27 7.34
CA PHE A 55 -10.52 -1.06 6.54
C PHE A 55 -11.90 -0.54 6.14
N SER A 56 -12.73 -1.43 5.60
CA SER A 56 -14.08 -1.05 5.17
C SER A 56 -14.86 -0.41 6.32
N SER A 57 -15.42 0.76 6.07
CA SER A 57 -16.19 1.48 7.07
C SER A 57 -17.59 0.91 7.20
N GLY A 58 -17.68 -0.42 7.30
CA GLY A 58 -18.96 -1.07 7.42
C GLY A 58 -19.86 -0.83 6.21
N PRO A 59 -20.95 -1.60 6.12
CA PRO A 59 -21.90 -1.49 5.01
C PRO A 59 -22.70 -0.19 5.05
N SER A 60 -22.41 0.64 6.05
CA SER A 60 -23.09 1.92 6.20
C SER A 60 -22.36 3.02 5.45
N SER A 61 -23.11 4.01 4.96
CA SER A 61 -22.52 5.11 4.23
C SER A 61 -23.47 6.32 4.22
N GLY A 62 -22.92 7.49 3.88
CA GLY A 62 -23.73 8.70 3.84
C GLY A 62 -24.33 8.94 2.47
ZN ZN B . -2.65 -4.69 8.81
#